data_5RLI
#
_entry.id   5RLI
#
_cell.length_a   58.846
_cell.length_b   70.009
_cell.length_c   84.938
_cell.angle_alpha   102.880
_cell.angle_beta   95.840
_cell.angle_gamma   112.370
#
_symmetry.space_group_name_H-M   'P 1'
#
loop_
_entity.id
_entity.type
_entity.pdbx_description
1 polymer Helicase
2 non-polymer N-(2-phenylethyl)methanesulfonamide
3 non-polymer 'ZINC ION'
4 non-polymer 'PHOSPHATE ION'
5 water water
#
_entity_poly.entity_id   1
_entity_poly.type   'polypeptide(L)'
_entity_poly.pdbx_seq_one_letter_code
;AVGACVLCNSQTSLRCGACIRRPFLCCKCCYDHVISTSHKLVLSVNPYVCNAPGCDVTDVTQLYLGGMSYYCKSHKPPIS
FPLCANGQVFGLYKNTCVGSDNVTDFNAIATCDWTNAGDYILANTCTERLKLFAAETLKATEETFKLSYGIATVREVLSD
RELHLSWEVGKPRPPLNRNYVFTGYRVTKNSKVQIGEYTFEKGDYGDAVVYRGTTTYKLNVGDYFVLTSHTVMPLSAPTL
VPQEHYVRITGLYPTLNISDEFSSNVANYQKVGMQKYSTLQGPPGTGKSHFAIGLALYYPSARIVYTACSHAAVDALCEK
ALKYLPIDKCSRIIPARARVECFDKFKVNSTLEQYVFCTVNALPETTADIVVFDEISMATNYDLSVVNARLRAKHYVYIG
DPAQLPAPRTLLTKGTLEPEYFNSVCRLMKTIGPDMFLGTCRRCPAEIVDTVSALVYDNKLKAHKDKSAQCFKMFYKGVI
THDVSSAINRPQIGVVREFLTRNPAWRKAVFISPYNSQNAVASKILGLPTQTVDSSQGSEYDYVIFTQTTETAHSCNVNR
FNVAITRAKVGILCIMSDRDLYDKLQFTSLEIPRRNVATLQ
;
_entity_poly.pdbx_strand_id   A,B
#
loop_
_chem_comp.id
_chem_comp.type
_chem_comp.name
_chem_comp.formula
JFM non-polymer N-(2-phenylethyl)methanesulfonamide 'C9 H13 N O2 S'
PO4 non-polymer 'PHOSPHATE ION' 'O4 P -3'
ZN non-polymer 'ZINC ION' 'Zn 2'
#
# COMPACT_ATOMS: atom_id res chain seq x y z
N ALA A 1 -24.52 11.27 -1.62
CA ALA A 1 -25.85 10.73 -1.18
C ALA A 1 -26.60 10.05 -2.34
N VAL A 2 -25.96 9.92 -3.52
CA VAL A 2 -26.54 9.22 -4.70
C VAL A 2 -25.73 7.92 -4.92
N GLY A 3 -26.38 6.77 -4.71
CA GLY A 3 -25.76 5.43 -4.79
C GLY A 3 -26.74 4.40 -5.35
N ALA A 4 -26.32 3.13 -5.42
CA ALA A 4 -27.15 2.00 -5.91
C ALA A 4 -27.69 1.21 -4.71
N CYS A 5 -28.87 0.62 -4.87
CA CYS A 5 -29.62 -0.15 -3.83
C CYS A 5 -28.92 -1.48 -3.57
N VAL A 6 -28.39 -1.68 -2.35
CA VAL A 6 -27.51 -2.83 -1.99
C VAL A 6 -28.30 -4.13 -2.04
N LEU A 7 -29.49 -4.15 -2.65
CA LEU A 7 -30.26 -5.41 -2.86
C LEU A 7 -30.60 -5.60 -4.34
N CYS A 8 -31.22 -4.59 -4.97
CA CYS A 8 -31.79 -4.65 -6.34
C CYS A 8 -31.13 -3.64 -7.28
N ASN A 9 -30.20 -2.81 -6.78
CA ASN A 9 -29.29 -1.95 -7.58
C ASN A 9 -29.92 -0.58 -7.83
N SER A 10 -31.25 -0.53 -8.11
CA SER A 10 -32.06 0.71 -8.33
C SER A 10 -31.41 1.89 -7.60
N GLN A 11 -31.07 2.96 -8.31
CA GLN A 11 -30.39 4.16 -7.75
C GLN A 11 -31.31 4.81 -6.69
N THR A 12 -30.76 5.51 -5.69
CA THR A 12 -31.56 6.28 -4.69
C THR A 12 -30.71 7.31 -3.93
N SER A 13 -31.40 8.20 -3.22
CA SER A 13 -30.91 9.19 -2.22
C SER A 13 -30.92 8.53 -0.83
N LEU A 14 -31.66 7.43 -0.70
CA LEU A 14 -32.00 6.77 0.58
C LEU A 14 -30.89 5.78 0.98
N ARG A 15 -30.14 6.10 2.04
CA ARG A 15 -29.37 5.14 2.87
C ARG A 15 -30.17 4.83 4.16
N CYS A 16 -29.84 3.75 4.87
CA CYS A 16 -30.33 3.48 6.26
C CYS A 16 -29.30 4.03 7.24
N GLY A 17 -29.68 4.99 8.07
CA GLY A 17 -28.79 5.60 9.08
C GLY A 17 -28.76 4.75 10.34
N ALA A 18 -29.39 3.56 10.30
CA ALA A 18 -29.52 2.65 11.45
C ALA A 18 -28.59 1.45 11.25
N CYS A 19 -28.61 0.84 10.05
CA CYS A 19 -27.45 0.02 9.59
C CYS A 19 -26.12 0.72 9.89
N ILE A 20 -25.11 -0.01 10.40
CA ILE A 20 -23.80 0.57 10.82
C ILE A 20 -22.91 0.80 9.58
N ARG A 21 -23.30 0.26 8.41
CA ARG A 21 -22.59 0.53 7.13
C ARG A 21 -23.26 1.66 6.32
N ARG A 22 -24.54 2.00 6.58
CA ARG A 22 -25.28 3.08 5.86
C ARG A 22 -25.47 2.69 4.39
N PRO A 23 -26.01 1.48 4.14
CA PRO A 23 -26.34 1.06 2.78
C PRO A 23 -27.43 1.90 2.09
N PHE A 24 -27.16 2.30 0.84
CA PHE A 24 -28.13 2.77 -0.17
C PHE A 24 -29.26 1.74 -0.29
N LEU A 25 -30.51 2.16 -0.05
CA LEU A 25 -31.72 1.33 -0.23
C LEU A 25 -32.70 2.05 -1.15
N CYS A 26 -33.18 1.36 -2.19
CA CYS A 26 -34.24 1.88 -3.09
C CYS A 26 -35.52 2.07 -2.26
N CYS A 27 -36.37 3.02 -2.67
CA CYS A 27 -37.67 3.34 -2.06
C CYS A 27 -38.44 2.05 -1.70
N LYS A 28 -38.59 1.10 -2.64
CA LYS A 28 -39.39 -0.16 -2.42
C LYS A 28 -38.72 -1.04 -1.34
N CYS A 29 -37.39 -1.04 -1.29
CA CYS A 29 -36.56 -1.90 -0.38
C CYS A 29 -36.36 -1.18 0.98
N CYS A 30 -36.15 0.15 1.01
CA CYS A 30 -35.99 0.96 2.26
C CYS A 30 -37.27 0.88 3.10
N TYR A 31 -38.41 0.75 2.44
CA TYR A 31 -39.71 0.55 3.12
C TYR A 31 -39.65 -0.77 3.87
N ASP A 32 -39.46 -1.86 3.13
CA ASP A 32 -39.47 -3.27 3.62
C ASP A 32 -38.48 -3.41 4.78
N HIS A 33 -37.40 -2.63 4.80
CA HIS A 33 -36.43 -2.56 5.93
C HIS A 33 -37.12 -1.93 7.15
N VAL A 34 -37.55 -0.67 7.04
CA VAL A 34 -37.90 0.18 8.23
C VAL A 34 -39.21 -0.29 8.85
N ILE A 35 -40.07 -0.92 8.08
CA ILE A 35 -41.41 -1.37 8.59
C ILE A 35 -41.30 -2.75 9.26
N SER A 36 -40.13 -3.41 9.21
CA SER A 36 -39.90 -4.78 9.74
C SER A 36 -38.74 -4.82 10.75
N THR A 37 -38.01 -3.71 10.96
CA THR A 37 -36.83 -3.65 11.86
C THR A 37 -36.90 -2.44 12.80
N SER A 38 -36.16 -2.46 13.90
CA SER A 38 -36.00 -1.28 14.80
C SER A 38 -35.33 -0.13 14.03
N HIS A 39 -35.02 -0.34 12.74
CA HIS A 39 -34.23 0.60 11.89
C HIS A 39 -35.20 1.60 11.24
N LYS A 40 -35.19 2.85 11.70
CA LYS A 40 -36.22 3.85 11.29
C LYS A 40 -35.56 5.12 10.75
N LEU A 41 -34.27 5.38 11.05
CA LEU A 41 -33.54 6.53 10.48
C LEU A 41 -33.21 6.25 9.00
N VAL A 42 -33.88 6.98 8.12
CA VAL A 42 -33.51 7.04 6.67
C VAL A 42 -32.66 8.30 6.48
N LEU A 43 -31.50 8.17 5.82
CA LEU A 43 -30.68 9.32 5.36
C LEU A 43 -30.95 9.52 3.87
N SER A 44 -30.84 10.76 3.39
CA SER A 44 -30.83 11.15 1.94
C SER A 44 -29.69 12.17 1.75
N VAL A 45 -29.95 13.29 1.06
CA VAL A 45 -29.01 14.46 1.03
C VAL A 45 -28.91 14.97 2.47
N ASN A 46 -30.07 15.07 3.12
CA ASN A 46 -30.26 15.50 4.53
C ASN A 46 -31.10 14.43 5.20
N PRO A 47 -30.96 14.26 6.54
CA PRO A 47 -31.68 13.21 7.25
C PRO A 47 -33.20 13.45 7.21
N TYR A 48 -33.97 12.42 6.82
CA TYR A 48 -35.42 12.30 7.10
C TYR A 48 -35.60 12.42 8.61
N VAL A 49 -35.77 13.66 9.08
CA VAL A 49 -36.04 14.05 10.47
C VAL A 49 -37.05 15.22 10.42
N CYS A 50 -37.71 15.57 11.53
CA CYS A 50 -38.73 16.65 11.59
C CYS A 50 -38.01 17.99 11.60
N ASN A 51 -38.28 18.86 10.63
CA ASN A 51 -37.58 20.18 10.53
C ASN A 51 -38.12 21.20 11.53
N ALA A 52 -39.23 20.92 12.21
CA ALA A 52 -39.85 21.80 13.23
C ALA A 52 -38.86 22.03 14.38
N PRO A 53 -38.54 23.28 14.74
CA PRO A 53 -37.52 23.53 15.77
C PRO A 53 -37.81 22.73 17.04
N GLY A 54 -36.79 22.11 17.63
CA GLY A 54 -36.82 21.49 18.97
C GLY A 54 -37.49 20.13 18.98
N CYS A 55 -37.87 19.62 17.82
CA CYS A 55 -38.64 18.36 17.66
C CYS A 55 -37.64 17.27 17.29
N ASP A 56 -37.75 16.10 17.93
CA ASP A 56 -36.70 15.04 17.91
C ASP A 56 -37.29 13.75 17.31
N VAL A 57 -38.38 13.83 16.54
CA VAL A 57 -38.96 12.69 15.75
C VAL A 57 -38.09 12.47 14.53
N THR A 58 -37.39 11.31 14.49
CA THR A 58 -36.45 10.87 13.42
C THR A 58 -37.01 9.64 12.69
N ASP A 59 -38.04 9.00 13.25
CA ASP A 59 -38.61 7.72 12.73
C ASP A 59 -39.38 8.03 11.44
N VAL A 60 -38.84 7.58 10.31
CA VAL A 60 -39.39 7.77 8.93
C VAL A 60 -40.86 7.35 8.85
N THR A 61 -41.31 6.43 9.71
CA THR A 61 -42.70 5.88 9.69
C THR A 61 -43.66 6.91 10.30
N GLN A 62 -43.11 7.84 11.07
CA GLN A 62 -43.84 8.90 11.82
C GLN A 62 -43.69 10.27 11.13
N LEU A 63 -43.20 10.32 9.88
CA LEU A 63 -42.79 11.58 9.21
C LEU A 63 -43.51 11.76 7.87
N TYR A 64 -43.66 13.02 7.46
CA TYR A 64 -44.39 13.45 6.25
C TYR A 64 -43.55 14.46 5.48
N LEU A 65 -43.73 14.46 4.16
CA LEU A 65 -43.21 15.49 3.23
C LEU A 65 -44.17 16.70 3.22
N GLY A 66 -43.76 17.81 3.84
CA GLY A 66 -44.50 19.09 3.88
C GLY A 66 -43.94 20.05 2.86
N GLY A 67 -44.50 20.03 1.66
CA GLY A 67 -43.91 20.68 0.47
C GLY A 67 -42.49 20.18 0.22
N MET A 68 -41.48 20.95 0.67
CA MET A 68 -40.04 20.69 0.43
C MET A 68 -39.40 19.95 1.61
N SER A 69 -39.88 20.18 2.84
CA SER A 69 -39.31 19.67 4.11
C SER A 69 -40.09 18.47 4.66
N TYR A 70 -39.64 17.96 5.80
CA TYR A 70 -40.18 16.75 6.45
C TYR A 70 -40.59 17.14 7.87
N TYR A 71 -41.73 16.62 8.29
CA TYR A 71 -42.33 16.94 9.61
C TYR A 71 -42.98 15.67 10.15
N CYS A 72 -43.10 15.57 11.48
CA CYS A 72 -43.92 14.53 12.16
C CYS A 72 -45.42 14.84 12.01
N LYS A 73 -46.29 14.04 12.63
CA LYS A 73 -47.77 14.20 12.57
C LYS A 73 -48.17 15.46 13.37
N SER A 74 -47.38 15.83 14.39
CA SER A 74 -47.58 17.00 15.29
C SER A 74 -47.23 18.33 14.62
N HIS A 75 -46.50 18.34 13.49
CA HIS A 75 -45.87 19.55 12.92
C HIS A 75 -46.15 19.67 11.41
N LYS A 76 -46.66 18.63 10.76
CA LYS A 76 -46.85 18.63 9.28
C LYS A 76 -47.86 19.69 8.93
N PRO A 77 -47.75 20.32 7.73
CA PRO A 77 -48.77 21.24 7.26
C PRO A 77 -50.00 20.45 6.82
N PRO A 78 -51.13 21.11 6.50
CA PRO A 78 -52.29 20.41 5.94
C PRO A 78 -51.98 19.54 4.71
N ILE A 79 -51.35 20.12 3.68
CA ILE A 79 -50.98 19.39 2.44
C ILE A 79 -49.59 18.78 2.66
N SER A 80 -49.57 17.58 3.25
CA SER A 80 -48.38 16.77 3.59
C SER A 80 -48.62 15.29 3.27
N PHE A 81 -47.58 14.64 2.75
CA PHE A 81 -47.55 13.24 2.24
C PHE A 81 -46.73 12.38 3.19
N PRO A 82 -47.26 11.26 3.74
CA PRO A 82 -46.46 10.38 4.59
C PRO A 82 -45.25 9.80 3.84
N LEU A 83 -44.06 9.93 4.42
CA LEU A 83 -42.79 9.45 3.79
C LEU A 83 -42.92 7.96 3.49
N CYS A 84 -43.58 7.21 4.39
CA CYS A 84 -43.80 5.75 4.27
C CYS A 84 -45.26 5.47 3.89
N ALA A 85 -45.51 5.13 2.63
CA ALA A 85 -46.83 4.66 2.14
C ALA A 85 -46.67 3.88 0.83
N ASN A 86 -47.62 2.99 0.55
CA ASN A 86 -47.72 2.22 -0.73
C ASN A 86 -46.41 1.46 -0.97
N GLY A 87 -45.94 0.72 0.04
CA GLY A 87 -44.77 -0.17 -0.04
C GLY A 87 -43.47 0.58 -0.32
N GLN A 88 -43.46 1.91 -0.21
CA GLN A 88 -42.30 2.76 -0.61
C GLN A 88 -42.05 3.85 0.43
N VAL A 89 -40.79 4.30 0.53
CA VAL A 89 -40.35 5.53 1.27
C VAL A 89 -40.08 6.57 0.19
N PHE A 90 -40.66 7.76 0.34
CA PHE A 90 -40.46 8.87 -0.62
C PHE A 90 -38.94 9.06 -0.83
N GLY A 91 -38.52 9.04 -2.09
CA GLY A 91 -37.16 9.44 -2.50
C GLY A 91 -37.05 9.55 -4.01
N LEU A 92 -35.86 9.93 -4.49
CA LEU A 92 -35.57 10.13 -5.93
C LEU A 92 -35.71 8.78 -6.65
N TYR A 93 -36.05 8.80 -7.95
CA TYR A 93 -36.04 7.66 -8.91
C TYR A 93 -37.17 6.66 -8.60
N LYS A 94 -38.09 7.01 -7.69
CA LYS A 94 -39.21 6.17 -7.18
C LYS A 94 -40.11 5.69 -8.34
N VAL A 103 -35.24 -9.66 1.06
CA VAL A 103 -35.14 -8.45 1.93
C VAL A 103 -35.38 -8.84 3.41
N THR A 104 -36.12 -9.92 3.69
CA THR A 104 -36.13 -10.61 5.01
C THR A 104 -34.67 -10.81 5.44
N ASP A 105 -33.89 -11.49 4.59
CA ASP A 105 -32.45 -11.80 4.76
C ASP A 105 -31.67 -10.51 5.01
N PHE A 106 -31.90 -9.49 4.18
CA PHE A 106 -31.27 -8.16 4.39
C PHE A 106 -31.55 -7.72 5.85
N ASN A 107 -32.79 -7.87 6.31
CA ASN A 107 -33.23 -7.37 7.65
C ASN A 107 -32.44 -8.10 8.75
N ALA A 108 -32.38 -9.43 8.65
CA ALA A 108 -31.66 -10.32 9.59
C ALA A 108 -30.17 -9.96 9.62
N ILE A 109 -29.56 -9.71 8.45
CA ILE A 109 -28.12 -9.34 8.36
C ILE A 109 -27.92 -7.96 9.00
N ALA A 110 -28.75 -7.00 8.64
CA ALA A 110 -28.68 -5.59 9.11
C ALA A 110 -28.74 -5.52 10.65
N THR A 111 -29.53 -6.37 11.29
CA THR A 111 -29.87 -6.26 12.73
C THR A 111 -29.10 -7.27 13.61
N CYS A 112 -28.62 -8.41 13.07
CA CYS A 112 -27.94 -9.46 13.90
C CYS A 112 -26.66 -8.89 14.56
N ASP A 113 -26.23 -9.48 15.67
CA ASP A 113 -25.05 -9.03 16.47
C ASP A 113 -23.83 -9.93 16.19
N TRP A 114 -24.02 -10.98 15.37
CA TRP A 114 -22.97 -11.89 14.81
C TRP A 114 -22.42 -12.85 15.90
N THR A 115 -23.21 -13.18 16.91
CA THR A 115 -22.82 -14.09 18.01
C THR A 115 -23.45 -15.49 17.79
N ASN A 116 -24.24 -15.64 16.74
CA ASN A 116 -25.05 -16.86 16.44
C ASN A 116 -24.52 -17.43 15.14
N ALA A 117 -24.33 -18.74 15.05
CA ALA A 117 -23.96 -19.44 13.79
C ALA A 117 -24.91 -19.04 12.66
N GLY A 118 -26.23 -19.01 12.91
CA GLY A 118 -27.28 -18.71 11.92
C GLY A 118 -27.05 -17.41 11.18
N ASP A 119 -26.40 -16.44 11.84
CA ASP A 119 -25.94 -15.16 11.26
C ASP A 119 -24.96 -15.45 10.12
N TYR A 120 -24.06 -16.40 10.33
CA TYR A 120 -22.96 -16.71 9.38
C TYR A 120 -23.56 -17.56 8.29
N ILE A 121 -24.54 -18.39 8.63
CA ILE A 121 -25.22 -19.30 7.68
C ILE A 121 -25.89 -18.44 6.61
N LEU A 122 -26.79 -17.57 7.08
CA LEU A 122 -27.52 -16.58 6.24
C LEU A 122 -26.55 -15.78 5.37
N ALA A 123 -25.44 -15.31 5.94
CA ALA A 123 -24.46 -14.46 5.22
C ALA A 123 -23.75 -15.26 4.11
N ASN A 124 -24.07 -16.55 3.95
CA ASN A 124 -23.44 -17.43 2.94
C ASN A 124 -24.50 -18.13 2.08
N THR A 125 -25.78 -18.09 2.48
CA THR A 125 -26.91 -18.63 1.68
C THR A 125 -27.58 -17.49 0.90
N CYS A 126 -27.32 -16.23 1.26
CA CYS A 126 -27.98 -15.05 0.65
C CYS A 126 -27.48 -14.82 -0.79
N THR A 127 -28.07 -13.83 -1.48
CA THR A 127 -27.55 -13.28 -2.76
C THR A 127 -26.13 -12.75 -2.54
N GLU A 128 -25.42 -12.57 -3.66
CA GLU A 128 -24.02 -12.13 -3.74
C GLU A 128 -23.90 -10.70 -3.23
N ARG A 129 -24.86 -9.82 -3.55
CA ARG A 129 -24.79 -8.41 -3.06
C ARG A 129 -24.94 -8.44 -1.52
N LEU A 130 -25.79 -9.34 -0.99
CA LEU A 130 -26.00 -9.44 0.47
C LEU A 130 -24.76 -10.02 1.16
N LYS A 131 -24.05 -10.97 0.51
CA LYS A 131 -22.80 -11.56 1.07
C LYS A 131 -21.79 -10.44 1.30
N LEU A 132 -21.75 -9.44 0.43
CA LEU A 132 -20.79 -8.31 0.60
C LEU A 132 -21.27 -7.37 1.70
N PHE A 133 -22.59 -7.14 1.82
CA PHE A 133 -23.19 -6.30 2.88
C PHE A 133 -22.89 -6.95 4.24
N ALA A 134 -23.23 -8.25 4.31
CA ALA A 134 -22.93 -9.19 5.41
C ALA A 134 -21.46 -9.06 5.85
N ALA A 135 -20.51 -9.27 4.93
CA ALA A 135 -19.06 -9.32 5.23
C ALA A 135 -18.56 -7.97 5.76
N GLU A 136 -19.11 -6.87 5.26
CA GLU A 136 -18.64 -5.50 5.62
C GLU A 136 -19.16 -5.21 7.04
N THR A 137 -20.45 -5.51 7.23
CA THR A 137 -21.20 -5.32 8.52
C THR A 137 -20.45 -6.09 9.60
N LEU A 138 -20.22 -7.39 9.35
CA LEU A 138 -19.55 -8.31 10.29
C LEU A 138 -18.18 -7.74 10.65
N LYS A 139 -17.35 -7.43 9.64
CA LYS A 139 -15.99 -6.91 9.93
C LYS A 139 -16.09 -5.61 10.74
N ALA A 140 -17.03 -4.72 10.39
CA ALA A 140 -17.28 -3.45 11.11
C ALA A 140 -17.65 -3.78 12.55
N THR A 141 -18.64 -4.66 12.72
CA THR A 141 -19.07 -5.11 14.07
C THR A 141 -17.86 -5.66 14.83
N GLU A 142 -17.11 -6.59 14.21
CA GLU A 142 -15.89 -7.22 14.83
C GLU A 142 -14.98 -6.10 15.32
N GLU A 143 -14.69 -5.10 14.48
CA GLU A 143 -13.69 -4.03 14.78
C GLU A 143 -14.25 -3.07 15.86
N THR A 144 -15.51 -2.63 15.75
CA THR A 144 -16.15 -1.71 16.73
C THR A 144 -16.33 -2.43 18.09
N PHE A 145 -16.48 -3.76 18.09
CA PHE A 145 -16.53 -4.53 19.36
C PHE A 145 -15.19 -4.39 20.08
N LYS A 146 -14.06 -4.33 19.35
CA LYS A 146 -12.69 -4.33 19.95
C LYS A 146 -12.58 -3.23 21.01
N LEU A 147 -13.23 -2.09 20.76
CA LEU A 147 -13.14 -0.85 21.56
C LEU A 147 -13.69 -1.08 22.99
N SER A 148 -14.31 -2.24 23.25
CA SER A 148 -15.04 -2.59 24.50
C SER A 148 -14.17 -3.33 25.52
N TYR A 149 -12.89 -3.57 25.22
CA TYR A 149 -11.94 -4.31 26.11
C TYR A 149 -11.07 -3.32 26.92
N GLY A 150 -10.59 -3.77 28.08
CA GLY A 150 -9.78 -2.98 29.02
C GLY A 150 -8.34 -2.85 28.56
N ILE A 151 -7.66 -1.78 28.96
CA ILE A 151 -6.23 -1.49 28.61
C ILE A 151 -5.34 -2.31 29.56
N ALA A 152 -4.13 -2.67 29.11
CA ALA A 152 -3.14 -3.47 29.87
C ALA A 152 -1.89 -2.62 30.09
N THR A 153 -1.61 -2.26 31.35
CA THR A 153 -0.48 -1.36 31.74
C THR A 153 0.55 -2.21 32.51
N VAL A 154 1.83 -2.11 32.12
CA VAL A 154 2.96 -2.93 32.64
C VAL A 154 3.24 -2.56 34.10
N ARG A 155 2.96 -3.48 35.04
CA ARG A 155 3.36 -3.37 36.47
C ARG A 155 4.89 -3.48 36.55
N GLU A 156 5.44 -4.68 36.33
CA GLU A 156 6.90 -4.96 36.40
C GLU A 156 7.38 -5.80 35.21
N VAL A 157 8.61 -5.54 34.76
CA VAL A 157 9.34 -6.28 33.67
C VAL A 157 10.22 -7.30 34.34
N LEU A 158 9.95 -8.61 34.19
CA LEU A 158 10.80 -9.69 34.77
C LEU A 158 12.08 -9.86 33.92
N SER A 159 11.91 -10.17 32.64
CA SER A 159 13.01 -10.51 31.70
C SER A 159 12.72 -9.90 30.33
N ASP A 160 13.43 -10.39 29.31
CA ASP A 160 13.36 -9.99 27.87
C ASP A 160 12.16 -10.68 27.19
N ARG A 161 11.56 -11.69 27.82
CA ARG A 161 10.45 -12.51 27.25
C ARG A 161 9.32 -12.75 28.27
N GLU A 162 9.30 -12.10 29.45
CA GLU A 162 8.23 -12.25 30.47
C GLU A 162 7.97 -10.90 31.18
N LEU A 163 6.71 -10.60 31.54
CA LEU A 163 6.34 -9.41 32.37
C LEU A 163 5.03 -9.65 33.16
N HIS A 164 4.70 -8.71 34.06
CA HIS A 164 3.48 -8.67 34.91
C HIS A 164 2.58 -7.49 34.49
N LEU A 165 1.27 -7.70 34.30
CA LEU A 165 0.35 -6.69 33.70
C LEU A 165 -0.76 -6.26 34.68
N SER A 166 -1.01 -4.94 34.73
CA SER A 166 -2.13 -4.26 35.42
C SER A 166 -3.23 -3.91 34.41
N TRP A 167 -4.47 -4.35 34.68
CA TRP A 167 -5.65 -4.27 33.77
C TRP A 167 -6.64 -3.18 34.21
N GLU A 168 -7.32 -2.54 33.25
CA GLU A 168 -8.31 -1.45 33.49
C GLU A 168 -9.54 -2.05 34.19
N VAL A 169 -10.00 -1.40 35.25
CA VAL A 169 -11.17 -1.79 36.08
C VAL A 169 -12.45 -1.27 35.39
N GLY A 170 -13.48 -2.12 35.27
CA GLY A 170 -14.79 -1.77 34.69
C GLY A 170 -15.01 -2.37 33.30
N LYS A 171 -13.92 -2.69 32.56
CA LYS A 171 -13.96 -3.25 31.18
C LYS A 171 -13.31 -4.64 31.18
N PRO A 172 -13.86 -5.61 30.40
CA PRO A 172 -13.33 -6.98 30.37
C PRO A 172 -11.88 -7.05 29.89
N ARG A 173 -11.19 -8.12 30.27
CA ARG A 173 -9.78 -8.45 29.86
C ARG A 173 -9.89 -9.48 28.74
N PRO A 174 -9.33 -9.20 27.54
CA PRO A 174 -9.40 -10.14 26.42
C PRO A 174 -8.48 -11.34 26.62
N PRO A 175 -8.76 -12.49 25.94
CA PRO A 175 -7.90 -13.68 26.05
C PRO A 175 -6.51 -13.43 25.45
N LEU A 176 -5.46 -13.89 26.13
CA LEU A 176 -4.04 -13.67 25.73
C LEU A 176 -3.53 -14.87 24.92
N ASN A 177 -4.08 -15.07 23.72
CA ASN A 177 -3.54 -16.01 22.71
C ASN A 177 -2.71 -15.18 21.70
N ARG A 178 -2.07 -15.86 20.74
CA ARG A 178 -1.37 -15.20 19.61
C ARG A 178 -2.41 -14.50 18.73
N ASN A 179 -3.62 -15.06 18.62
CA ASN A 179 -4.74 -14.57 17.76
C ASN A 179 -4.96 -13.07 18.03
N TYR A 180 -5.19 -12.71 19.30
CA TYR A 180 -5.46 -11.32 19.78
C TYR A 180 -4.16 -10.51 19.76
N VAL A 181 -3.90 -9.78 18.66
CA VAL A 181 -2.65 -8.96 18.49
C VAL A 181 -2.92 -7.57 19.06
N PHE A 182 -2.15 -7.18 20.09
CA PHE A 182 -2.18 -5.85 20.75
C PHE A 182 -1.22 -4.91 20.05
N THR A 183 -1.45 -3.60 20.20
CA THR A 183 -0.50 -2.54 19.81
C THR A 183 -0.07 -1.84 21.11
N GLY A 184 1.24 -1.70 21.28
CA GLY A 184 1.87 -1.01 22.43
C GLY A 184 2.05 0.46 22.13
N TYR A 185 2.04 1.31 23.16
CA TYR A 185 2.03 2.79 23.04
C TYR A 185 2.67 3.44 24.28
N GLN A 194 4.03 4.54 20.09
CA GLN A 194 3.64 3.59 19.00
C GLN A 194 4.72 2.50 18.86
N ILE A 195 5.01 1.78 19.95
CA ILE A 195 6.22 0.90 20.11
C ILE A 195 6.02 -0.44 19.39
N GLY A 196 5.12 -0.51 18.40
CA GLY A 196 4.91 -1.71 17.56
C GLY A 196 4.00 -2.72 18.23
N GLU A 197 3.53 -3.70 17.47
CA GLU A 197 2.53 -4.72 17.91
C GLU A 197 3.19 -5.70 18.89
N TYR A 198 2.40 -6.30 19.78
CA TYR A 198 2.86 -7.24 20.85
C TYR A 198 1.81 -8.35 21.03
N THR A 199 2.24 -9.57 21.35
CA THR A 199 1.38 -10.73 21.70
C THR A 199 1.81 -11.28 23.07
N PHE A 200 0.92 -12.04 23.73
CA PHE A 200 1.06 -12.54 25.12
C PHE A 200 0.72 -14.04 25.20
N GLU A 201 1.20 -14.70 26.26
CA GLU A 201 0.94 -16.13 26.57
C GLU A 201 1.10 -16.38 28.08
N LYS A 202 0.01 -16.71 28.78
CA LYS A 202 -0.02 -17.01 30.23
C LYS A 202 0.64 -18.37 30.49
N ASP A 207 1.45 -16.20 37.92
CA ASP A 207 1.18 -14.76 37.63
C ASP A 207 2.25 -14.22 36.66
N ALA A 208 2.67 -15.03 35.68
CA ALA A 208 3.78 -14.72 34.76
C ALA A 208 3.27 -14.82 33.31
N VAL A 209 3.16 -13.68 32.63
CA VAL A 209 2.74 -13.60 31.20
C VAL A 209 3.99 -13.43 30.32
N VAL A 210 4.06 -14.19 29.22
CA VAL A 210 5.16 -14.17 28.21
C VAL A 210 4.80 -13.11 27.14
N TYR A 211 5.65 -12.09 26.97
CA TYR A 211 5.45 -10.96 26.04
C TYR A 211 6.37 -11.09 24.83
N ARG A 212 5.82 -10.95 23.62
CA ARG A 212 6.56 -11.10 22.34
C ARG A 212 6.33 -9.87 21.47
N GLY A 213 7.24 -8.90 21.52
CA GLY A 213 7.21 -7.70 20.67
C GLY A 213 7.56 -8.05 19.23
N THR A 214 6.59 -7.95 18.32
CA THR A 214 6.79 -8.05 16.85
C THR A 214 7.93 -7.11 16.45
N THR A 215 8.11 -6.04 17.22
CA THR A 215 9.28 -5.11 17.20
C THR A 215 9.96 -5.19 18.58
N THR A 216 11.28 -5.40 18.63
CA THR A 216 12.06 -5.59 19.89
C THR A 216 12.24 -4.23 20.59
N TYR A 217 12.04 -4.19 21.91
CA TYR A 217 12.04 -2.96 22.75
C TYR A 217 12.11 -3.36 24.24
N LYS A 218 13.07 -2.80 24.97
CA LYS A 218 13.27 -3.04 26.43
C LYS A 218 12.01 -2.55 27.17
N LEU A 219 10.97 -3.42 27.27
CA LEU A 219 9.60 -3.09 27.73
C LEU A 219 9.66 -2.18 28.97
N ASN A 220 8.92 -1.05 28.94
CA ASN A 220 8.91 0.00 30.00
C ASN A 220 7.77 -0.27 30.99
N VAL A 221 7.94 0.14 32.25
CA VAL A 221 6.88 0.15 33.32
C VAL A 221 6.08 1.46 33.20
N GLY A 222 4.75 1.35 33.19
CA GLY A 222 3.82 2.48 32.96
C GLY A 222 3.23 2.43 31.56
N ASP A 223 4.04 2.06 30.56
CA ASP A 223 3.58 1.86 29.15
C ASP A 223 2.34 0.96 29.15
N TYR A 224 1.54 1.04 28.09
CA TYR A 224 0.23 0.34 27.98
C TYR A 224 0.10 -0.30 26.60
N PHE A 225 -0.82 -1.27 26.48
CA PHE A 225 -1.16 -1.99 25.21
C PHE A 225 -2.68 -1.91 24.99
N VAL A 226 -3.10 -1.72 23.74
CA VAL A 226 -4.54 -1.71 23.30
C VAL A 226 -4.65 -2.50 21.98
N LEU A 227 -5.83 -3.06 21.71
CA LEU A 227 -6.10 -3.98 20.57
C LEU A 227 -6.11 -3.21 19.24
N THR A 228 -5.50 -3.80 18.21
CA THR A 228 -5.39 -3.26 16.84
C THR A 228 -6.81 -3.08 16.27
N SER A 229 -7.33 -1.86 16.34
CA SER A 229 -8.63 -1.45 15.75
C SER A 229 -8.39 -0.90 14.33
N HIS A 230 -8.65 -1.72 13.30
CA HIS A 230 -8.44 -1.36 11.86
C HIS A 230 -9.79 -0.95 11.23
N THR A 231 -9.78 0.10 10.41
CA THR A 231 -10.98 0.64 9.73
C THR A 231 -11.34 -0.31 8.59
N VAL A 232 -12.62 -0.64 8.49
CA VAL A 232 -13.20 -1.58 7.48
C VAL A 232 -13.48 -0.79 6.21
N MET A 233 -12.60 -0.90 5.23
CA MET A 233 -12.86 -0.39 3.87
C MET A 233 -14.14 -1.03 3.31
N PRO A 234 -14.88 -0.34 2.44
CA PRO A 234 -16.00 -0.95 1.74
C PRO A 234 -15.52 -2.05 0.78
N LEU A 235 -16.44 -2.92 0.39
CA LEU A 235 -16.23 -3.95 -0.64
C LEU A 235 -16.90 -3.42 -1.90
N SER A 236 -16.54 -3.99 -3.06
CA SER A 236 -17.02 -3.64 -4.42
C SER A 236 -17.22 -4.91 -5.24
N ALA A 237 -16.17 -5.75 -5.27
CA ALA A 237 -16.06 -6.96 -6.11
C ALA A 237 -16.81 -8.11 -5.45
N PRO A 238 -17.41 -9.03 -6.23
CA PRO A 238 -18.09 -10.19 -5.64
C PRO A 238 -17.10 -11.08 -4.85
N THR A 239 -17.63 -12.06 -4.13
CA THR A 239 -16.78 -13.07 -3.45
C THR A 239 -16.12 -13.92 -4.53
N LEU A 240 -16.94 -14.25 -5.54
CA LEU A 240 -16.68 -15.16 -6.69
C LEU A 240 -17.15 -14.48 -7.97
N VAL A 241 -16.24 -14.01 -8.81
CA VAL A 241 -16.62 -13.53 -10.18
C VAL A 241 -17.54 -14.59 -10.80
N PRO A 242 -18.46 -14.22 -11.72
CA PRO A 242 -19.43 -15.17 -12.24
C PRO A 242 -18.61 -16.24 -12.97
N GLN A 243 -19.09 -17.50 -13.03
CA GLN A 243 -18.34 -18.62 -13.66
C GLN A 243 -18.35 -18.44 -15.18
N GLU A 244 -17.22 -18.73 -15.84
CA GLU A 244 -17.11 -18.89 -17.32
C GLU A 244 -16.52 -20.27 -17.63
N HIS A 245 -17.18 -21.01 -18.52
CA HIS A 245 -16.67 -22.28 -19.11
C HIS A 245 -16.26 -22.03 -20.56
N TYR A 246 -15.02 -22.38 -20.89
CA TYR A 246 -14.46 -22.26 -22.25
C TYR A 246 -14.41 -23.67 -22.87
N VAL A 247 -14.39 -23.73 -24.20
CA VAL A 247 -14.23 -24.97 -25.00
C VAL A 247 -12.72 -25.26 -25.17
N ARG A 248 -11.88 -24.23 -24.99
CA ARG A 248 -10.41 -24.30 -25.18
C ARG A 248 -9.72 -23.51 -24.06
N ILE A 249 -8.51 -23.96 -23.69
CA ILE A 249 -7.58 -23.27 -22.74
C ILE A 249 -7.48 -21.82 -23.19
N THR A 250 -7.95 -20.89 -22.35
CA THR A 250 -8.16 -19.48 -22.71
C THR A 250 -7.04 -18.65 -22.07
N GLY A 251 -6.34 -17.83 -22.86
CA GLY A 251 -5.40 -16.79 -22.38
C GLY A 251 -4.14 -17.35 -21.73
N LEU A 252 -3.91 -18.66 -21.83
CA LEU A 252 -2.71 -19.32 -21.24
C LEU A 252 -2.08 -20.18 -22.34
N TYR A 253 -0.78 -20.47 -22.25
CA TYR A 253 -0.03 -21.21 -23.29
C TYR A 253 0.71 -22.39 -22.64
N PRO A 254 0.20 -23.64 -22.82
CA PRO A 254 0.78 -24.83 -22.18
C PRO A 254 2.09 -25.32 -22.81
N THR A 255 2.91 -26.08 -22.07
CA THR A 255 4.04 -26.88 -22.63
C THR A 255 3.54 -28.25 -23.12
N LEU A 256 4.39 -28.91 -23.92
CA LEU A 256 4.32 -30.34 -24.32
C LEU A 256 5.63 -31.00 -23.85
N ASN A 257 6.22 -30.44 -22.79
CA ASN A 257 7.48 -30.86 -22.14
C ASN A 257 7.30 -30.63 -20.64
N ILE A 258 6.37 -31.38 -20.02
CA ILE A 258 5.99 -31.18 -18.59
C ILE A 258 6.61 -32.29 -17.73
N SER A 259 7.52 -31.91 -16.82
CA SER A 259 8.21 -32.78 -15.84
C SER A 259 7.22 -33.83 -15.31
N ASP A 260 7.58 -35.12 -15.38
CA ASP A 260 6.77 -36.29 -14.97
C ASP A 260 6.24 -36.10 -13.56
N GLU A 261 7.01 -35.39 -12.72
CA GLU A 261 6.64 -34.96 -11.34
C GLU A 261 5.20 -34.42 -11.34
N PHE A 262 4.82 -33.67 -12.38
CA PHE A 262 3.56 -32.89 -12.49
C PHE A 262 2.62 -33.47 -13.55
N SER A 263 2.99 -34.58 -14.19
CA SER A 263 2.18 -35.31 -15.22
C SER A 263 0.81 -35.73 -14.66
N SER A 264 0.74 -36.05 -13.38
CA SER A 264 -0.52 -36.45 -12.68
C SER A 264 -1.53 -35.29 -12.75
N ASN A 265 -1.07 -34.04 -12.70
CA ASN A 265 -1.94 -32.84 -12.57
C ASN A 265 -2.38 -32.25 -13.94
N VAL A 266 -2.00 -32.84 -15.07
CA VAL A 266 -2.08 -32.16 -16.41
C VAL A 266 -3.55 -31.94 -16.81
N ALA A 267 -4.43 -32.94 -16.66
CA ALA A 267 -5.87 -32.83 -17.03
C ALA A 267 -6.56 -31.71 -16.21
N ASN A 268 -6.25 -31.62 -14.91
CA ASN A 268 -6.74 -30.55 -13.99
C ASN A 268 -6.11 -29.19 -14.35
N TYR A 269 -4.86 -29.16 -14.80
CA TYR A 269 -4.18 -27.92 -15.25
C TYR A 269 -4.92 -27.36 -16.48
N GLN A 270 -5.45 -28.22 -17.35
CA GLN A 270 -6.21 -27.85 -18.57
C GLN A 270 -7.62 -27.40 -18.19
N LYS A 271 -8.23 -28.01 -17.18
CA LYS A 271 -9.52 -27.58 -16.55
C LYS A 271 -9.37 -26.14 -16.02
N VAL A 272 -8.26 -25.86 -15.33
CA VAL A 272 -7.91 -24.50 -14.82
C VAL A 272 -8.01 -23.48 -15.96
N GLY A 273 -7.53 -23.84 -17.17
CA GLY A 273 -7.47 -22.97 -18.36
C GLY A 273 -8.79 -22.87 -19.12
N MET A 274 -9.72 -23.81 -18.93
CA MET A 274 -11.02 -23.91 -19.64
C MET A 274 -12.18 -23.48 -18.73
N GLN A 275 -11.89 -22.67 -17.71
CA GLN A 275 -12.87 -22.10 -16.74
C GLN A 275 -12.33 -20.76 -16.23
N LYS A 276 -13.20 -19.86 -15.78
CA LYS A 276 -12.80 -18.56 -15.17
C LYS A 276 -12.13 -18.86 -13.82
N TYR A 277 -12.87 -19.45 -12.89
CA TYR A 277 -12.29 -19.93 -11.60
C TYR A 277 -12.49 -21.44 -11.53
N SER A 278 -11.69 -22.08 -10.67
CA SER A 278 -11.81 -23.52 -10.33
C SER A 278 -11.49 -23.71 -8.84
N THR A 279 -12.10 -24.75 -8.25
CA THR A 279 -11.97 -25.13 -6.80
C THR A 279 -11.21 -26.46 -6.69
N LEU A 280 -10.14 -26.48 -5.88
CA LEU A 280 -9.36 -27.72 -5.55
C LEU A 280 -9.47 -28.07 -4.04
N GLN A 281 -10.15 -29.17 -3.73
CA GLN A 281 -10.11 -29.79 -2.39
C GLN A 281 -8.96 -30.80 -2.35
N GLY A 282 -7.88 -30.43 -1.65
CA GLY A 282 -6.78 -31.33 -1.26
C GLY A 282 -6.79 -31.57 0.25
N PRO A 283 -7.25 -32.76 0.72
CA PRO A 283 -7.01 -33.23 2.08
C PRO A 283 -5.55 -33.10 2.45
N PRO A 284 -5.18 -33.20 3.75
CA PRO A 284 -3.79 -33.06 4.15
C PRO A 284 -2.86 -33.99 3.35
N GLY A 285 -1.73 -33.43 2.89
CA GLY A 285 -0.57 -34.16 2.33
C GLY A 285 -0.84 -34.71 0.93
N THR A 286 -1.78 -34.13 0.19
CA THR A 286 -2.23 -34.67 -1.12
C THR A 286 -1.57 -33.88 -2.26
N GLY A 287 -0.65 -32.97 -1.92
CA GLY A 287 0.09 -32.18 -2.92
C GLY A 287 -0.69 -30.97 -3.41
N LYS A 288 -1.14 -30.08 -2.51
CA LYS A 288 -1.73 -28.76 -2.87
C LYS A 288 -0.62 -27.85 -3.39
N SER A 289 0.41 -27.57 -2.58
CA SER A 289 1.57 -26.73 -2.96
C SER A 289 2.10 -27.20 -4.31
N HIS A 290 2.24 -28.52 -4.46
CA HIS A 290 2.82 -29.21 -5.64
C HIS A 290 1.94 -28.92 -6.85
N PHE A 291 0.62 -28.95 -6.67
CA PHE A 291 -0.35 -28.59 -7.73
C PHE A 291 -0.25 -27.11 -8.10
N ALA A 292 -0.20 -26.24 -7.10
CA ALA A 292 -0.13 -24.77 -7.26
C ALA A 292 1.14 -24.40 -8.06
N ILE A 293 2.31 -24.87 -7.63
CA ILE A 293 3.64 -24.57 -8.28
C ILE A 293 3.71 -25.31 -9.61
N GLY A 294 3.09 -26.49 -9.72
CA GLY A 294 3.07 -27.25 -10.99
C GLY A 294 2.28 -26.54 -12.07
N LEU A 295 1.41 -25.62 -11.67
CA LEU A 295 0.54 -24.87 -12.60
C LEU A 295 1.40 -23.85 -13.36
N ALA A 296 2.37 -23.25 -12.68
CA ALA A 296 3.38 -22.30 -13.23
C ALA A 296 4.20 -22.99 -14.32
N LEU A 297 4.66 -24.22 -14.05
CA LEU A 297 5.50 -25.04 -14.97
C LEU A 297 4.66 -25.46 -16.18
N TYR A 298 3.39 -25.82 -15.99
CA TYR A 298 2.50 -26.18 -17.12
C TYR A 298 2.20 -24.96 -17.98
N TYR A 299 1.97 -23.79 -17.37
CA TYR A 299 1.74 -22.49 -18.07
C TYR A 299 2.93 -21.58 -17.79
N PRO A 300 4.09 -21.86 -18.43
CA PRO A 300 5.38 -21.27 -18.02
C PRO A 300 5.56 -19.76 -18.23
N SER A 301 4.82 -19.14 -19.16
CA SER A 301 4.88 -17.69 -19.47
C SER A 301 3.79 -16.93 -18.69
N ALA A 302 2.82 -17.63 -18.11
CA ALA A 302 1.69 -17.06 -17.35
C ALA A 302 2.22 -16.36 -16.09
N ARG A 303 1.78 -15.13 -15.85
CA ARG A 303 2.08 -14.37 -14.61
C ARG A 303 1.10 -14.91 -13.56
N ILE A 304 1.63 -15.39 -12.44
CA ILE A 304 0.77 -16.02 -11.38
C ILE A 304 1.01 -15.27 -10.08
N VAL A 305 -0.08 -14.89 -9.43
CA VAL A 305 -0.07 -14.32 -8.07
C VAL A 305 -0.57 -15.43 -7.13
N TYR A 306 0.26 -15.70 -6.14
CA TYR A 306 0.06 -16.73 -5.09
C TYR A 306 -0.32 -15.96 -3.81
N THR A 307 -1.54 -16.18 -3.34
CA THR A 307 -2.09 -15.43 -2.17
C THR A 307 -2.72 -16.43 -1.20
N ALA A 308 -2.64 -16.11 0.09
CA ALA A 308 -3.38 -16.72 1.22
C ALA A 308 -3.53 -15.69 2.36
N CYS A 309 -4.41 -15.94 3.32
CA CYS A 309 -4.69 -15.02 4.44
C CYS A 309 -3.48 -14.91 5.37
N SER A 310 -2.79 -16.01 5.67
CA SER A 310 -1.66 -16.03 6.65
C SER A 310 -0.29 -15.94 5.95
N HIS A 311 0.72 -15.47 6.67
CA HIS A 311 2.13 -15.40 6.21
C HIS A 311 2.65 -16.84 6.03
N ALA A 312 2.34 -17.73 6.98
CA ALA A 312 2.74 -19.15 6.93
C ALA A 312 2.25 -19.75 5.60
N ALA A 313 0.98 -19.57 5.23
CA ALA A 313 0.43 -20.19 4.00
C ALA A 313 1.22 -19.70 2.78
N VAL A 314 1.52 -18.40 2.71
CA VAL A 314 2.22 -17.78 1.55
C VAL A 314 3.68 -18.25 1.56
N ASP A 315 4.28 -18.40 2.76
CA ASP A 315 5.67 -18.91 3.00
C ASP A 315 5.81 -20.39 2.65
N ALA A 316 4.73 -21.17 2.75
CA ALA A 316 4.71 -22.56 2.24
C ALA A 316 4.80 -22.56 0.72
N LEU A 317 4.00 -21.72 0.05
CA LEU A 317 3.95 -21.66 -1.44
C LEU A 317 5.30 -21.17 -1.98
N CYS A 318 5.99 -20.31 -1.19
CA CYS A 318 7.31 -19.74 -1.52
C CYS A 318 8.37 -20.84 -1.44
N GLU A 319 8.39 -21.60 -0.33
CA GLU A 319 9.28 -22.77 -0.17
C GLU A 319 9.11 -23.69 -1.40
N LYS A 320 7.86 -24.00 -1.77
CA LYS A 320 7.61 -24.93 -2.90
C LYS A 320 8.00 -24.29 -4.24
N ALA A 321 7.93 -22.96 -4.36
CA ALA A 321 8.33 -22.25 -5.60
C ALA A 321 9.85 -22.30 -5.72
N LEU A 322 10.54 -21.99 -4.61
CA LEU A 322 12.03 -21.98 -4.52
C LEU A 322 12.58 -23.26 -5.19
N LYS A 323 11.91 -24.39 -5.01
CA LYS A 323 12.38 -25.73 -5.46
C LYS A 323 12.18 -25.90 -6.98
N TYR A 324 11.23 -25.19 -7.61
CA TYR A 324 10.78 -25.55 -8.99
C TYR A 324 10.75 -24.34 -9.93
N LEU A 325 10.63 -23.12 -9.41
CA LEU A 325 10.45 -21.90 -10.24
C LEU A 325 11.70 -21.03 -10.16
N PRO A 326 12.11 -20.38 -11.27
CA PRO A 326 13.30 -19.52 -11.28
C PRO A 326 13.18 -18.39 -10.24
N ILE A 327 14.08 -18.39 -9.25
CA ILE A 327 14.18 -17.42 -8.11
C ILE A 327 14.25 -15.95 -8.59
N ASP A 328 14.66 -15.69 -9.84
CA ASP A 328 14.77 -14.31 -10.40
C ASP A 328 13.38 -13.79 -10.76
N LYS A 329 12.41 -14.68 -11.07
CA LYS A 329 11.05 -14.29 -11.50
C LYS A 329 10.03 -14.47 -10.37
N CYS A 330 10.46 -14.39 -9.10
CA CYS A 330 9.64 -14.56 -7.87
C CYS A 330 9.83 -13.37 -6.92
N SER A 331 8.73 -12.79 -6.43
CA SER A 331 8.78 -11.76 -5.35
C SER A 331 7.86 -12.13 -4.19
N ARG A 332 8.36 -11.97 -2.96
CA ARG A 332 7.58 -12.02 -1.71
C ARG A 332 7.22 -10.57 -1.31
N ILE A 333 5.94 -10.20 -1.39
CA ILE A 333 5.40 -8.85 -1.04
C ILE A 333 5.22 -8.78 0.47
N ILE A 334 5.90 -7.85 1.13
CA ILE A 334 5.95 -7.71 2.61
C ILE A 334 5.39 -6.34 2.98
N PRO A 335 4.25 -6.25 3.71
CA PRO A 335 3.69 -4.96 4.10
C PRO A 335 4.59 -4.27 5.13
N ALA A 336 4.94 -3.00 4.84
CA ALA A 336 5.89 -2.15 5.59
C ALA A 336 5.56 -2.13 7.09
N ARG A 337 4.31 -2.41 7.47
CA ARG A 337 3.87 -2.62 8.88
C ARG A 337 4.08 -4.10 9.25
N ALA A 338 5.31 -4.60 9.05
CA ALA A 338 5.71 -6.03 9.12
C ALA A 338 5.52 -6.57 10.54
N ARG A 339 4.63 -7.56 10.71
CA ARG A 339 4.20 -8.11 12.03
C ARG A 339 5.14 -9.27 12.41
N VAL A 340 4.98 -10.43 11.77
CA VAL A 340 5.85 -11.63 12.00
C VAL A 340 6.85 -11.74 10.86
N GLU A 341 8.03 -12.32 11.12
CA GLU A 341 9.06 -12.65 10.10
C GLU A 341 8.43 -13.58 9.05
N CYS A 342 8.92 -13.56 7.80
CA CYS A 342 8.46 -14.46 6.70
C CYS A 342 9.58 -14.67 5.67
N PHE A 343 9.25 -15.30 4.55
CA PHE A 343 10.20 -15.86 3.54
C PHE A 343 11.20 -14.79 3.10
N ASP A 344 12.51 -15.11 3.04
CA ASP A 344 13.64 -14.16 2.79
C ASP A 344 14.44 -14.49 1.52
N LYS A 345 14.18 -15.62 0.84
CA LYS A 345 14.98 -16.05 -0.35
C LYS A 345 14.33 -15.58 -1.65
N PHE A 346 13.40 -14.60 -1.64
CA PHE A 346 12.94 -13.93 -2.88
C PHE A 346 13.27 -12.44 -2.80
N LYS A 347 13.31 -11.74 -3.95
CA LYS A 347 13.30 -10.25 -4.04
C LYS A 347 12.03 -9.73 -3.32
N VAL A 348 12.20 -8.85 -2.33
CA VAL A 348 11.11 -8.31 -1.47
C VAL A 348 10.46 -7.09 -2.14
N ASN A 349 9.16 -7.18 -2.45
CA ASN A 349 8.27 -6.04 -2.78
C ASN A 349 8.48 -5.63 -4.24
N SER A 350 8.90 -6.55 -5.11
CA SER A 350 8.85 -6.37 -6.58
C SER A 350 7.51 -6.88 -7.12
N THR A 351 6.50 -6.01 -7.16
CA THR A 351 5.12 -6.25 -7.67
C THR A 351 5.11 -6.89 -9.06
N LEU A 352 6.15 -6.75 -9.88
CA LEU A 352 6.04 -7.04 -11.34
C LEU A 352 6.92 -8.21 -11.77
N GLU A 353 7.42 -9.00 -10.80
CA GLU A 353 8.02 -10.34 -11.07
C GLU A 353 6.91 -11.25 -11.62
N GLN A 354 7.22 -12.21 -12.51
CA GLN A 354 6.24 -13.19 -13.05
C GLN A 354 5.46 -13.91 -11.93
N TYR A 355 6.09 -14.08 -10.75
CA TYR A 355 5.55 -14.86 -9.60
C TYR A 355 5.59 -13.96 -8.36
N VAL A 356 4.41 -13.71 -7.79
CA VAL A 356 4.24 -12.79 -6.64
C VAL A 356 3.53 -13.54 -5.53
N PHE A 357 4.09 -13.45 -4.32
CA PHE A 357 3.69 -14.26 -3.15
C PHE A 357 3.30 -13.28 -2.04
N CYS A 358 2.00 -13.12 -1.84
CA CYS A 358 1.45 -12.05 -0.96
C CYS A 358 0.24 -12.53 -0.16
N THR A 359 0.19 -12.19 1.13
CA THR A 359 -1.03 -12.31 1.95
C THR A 359 -2.13 -11.44 1.33
N VAL A 360 -3.41 -11.76 1.57
CA VAL A 360 -4.59 -11.01 1.05
C VAL A 360 -4.48 -9.54 1.47
N ASN A 361 -4.31 -9.28 2.76
CA ASN A 361 -4.30 -7.91 3.36
C ASN A 361 -3.37 -6.98 2.57
N ALA A 362 -2.30 -7.53 1.97
CA ALA A 362 -1.14 -6.76 1.42
C ALA A 362 -1.11 -6.76 -0.12
N LEU A 363 -2.09 -7.37 -0.80
CA LEU A 363 -2.11 -7.47 -2.28
C LEU A 363 -2.08 -6.08 -2.91
N PRO A 364 -1.24 -5.86 -3.93
CA PRO A 364 -1.26 -4.60 -4.66
C PRO A 364 -2.42 -4.60 -5.69
N GLU A 365 -2.72 -3.43 -6.21
CA GLU A 365 -3.59 -3.24 -7.40
C GLU A 365 -2.82 -3.82 -8.59
N THR A 366 -3.21 -4.98 -9.10
CA THR A 366 -2.53 -5.62 -10.27
C THR A 366 -3.45 -6.57 -11.04
N THR A 367 -2.88 -7.19 -12.06
CA THR A 367 -3.55 -8.17 -12.96
C THR A 367 -2.63 -9.37 -13.12
N ALA A 368 -3.19 -10.47 -13.61
CA ALA A 368 -2.53 -11.79 -13.65
C ALA A 368 -3.24 -12.69 -14.66
N ASP A 369 -2.52 -13.65 -15.21
CA ASP A 369 -3.09 -14.71 -16.09
C ASP A 369 -3.77 -15.75 -15.19
N ILE A 370 -3.13 -16.04 -14.05
CA ILE A 370 -3.69 -16.93 -12.99
C ILE A 370 -3.47 -16.28 -11.63
N VAL A 371 -4.50 -16.31 -10.81
CA VAL A 371 -4.39 -16.08 -9.35
C VAL A 371 -4.61 -17.44 -8.67
N VAL A 372 -3.73 -17.78 -7.73
CA VAL A 372 -3.88 -18.99 -6.87
C VAL A 372 -4.12 -18.49 -5.44
N PHE A 373 -5.33 -18.77 -4.94
CA PHE A 373 -5.75 -18.51 -3.54
C PHE A 373 -5.70 -19.84 -2.78
N ASP A 374 -4.76 -19.94 -1.83
CA ASP A 374 -4.47 -21.18 -1.06
C ASP A 374 -5.09 -21.04 0.34
N GLU A 375 -5.28 -22.16 1.02
CA GLU A 375 -5.80 -22.27 2.42
C GLU A 375 -7.20 -21.61 2.48
N ILE A 376 -8.09 -22.04 1.60
CA ILE A 376 -9.35 -21.32 1.31
C ILE A 376 -10.33 -21.56 2.47
N SER A 377 -10.12 -22.58 3.28
CA SER A 377 -10.98 -22.79 4.47
C SER A 377 -10.76 -21.61 5.42
N MET A 378 -9.56 -21.03 5.46
CA MET A 378 -9.21 -19.88 6.35
C MET A 378 -9.73 -18.54 5.80
N ALA A 379 -10.16 -18.48 4.54
CA ALA A 379 -10.65 -17.25 3.89
C ALA A 379 -12.02 -16.90 4.47
N THR A 380 -12.25 -15.61 4.73
CA THR A 380 -13.59 -15.00 4.94
C THR A 380 -14.11 -14.53 3.58
N ASN A 381 -15.42 -14.33 3.44
CA ASN A 381 -16.06 -13.72 2.25
C ASN A 381 -15.47 -12.30 2.01
N TYR A 382 -15.17 -11.55 3.06
CA TYR A 382 -14.42 -10.27 2.99
C TYR A 382 -13.12 -10.48 2.21
N ASP A 383 -12.32 -11.49 2.57
CA ASP A 383 -11.05 -11.86 1.87
C ASP A 383 -11.34 -12.24 0.42
N LEU A 384 -12.37 -13.05 0.14
CA LEU A 384 -12.79 -13.44 -1.23
C LEU A 384 -13.19 -12.22 -2.08
N SER A 385 -13.70 -11.16 -1.45
CA SER A 385 -14.08 -9.89 -2.12
C SER A 385 -12.81 -9.05 -2.39
N VAL A 386 -11.96 -8.84 -1.38
CA VAL A 386 -10.72 -8.02 -1.49
C VAL A 386 -9.85 -8.54 -2.64
N VAL A 387 -9.75 -9.86 -2.80
CA VAL A 387 -8.91 -10.50 -3.84
C VAL A 387 -9.47 -10.11 -5.20
N ASN A 388 -10.78 -10.29 -5.43
CA ASN A 388 -11.43 -9.97 -6.74
C ASN A 388 -11.26 -8.47 -7.04
N ALA A 389 -11.17 -7.64 -5.99
CA ALA A 389 -10.99 -6.17 -6.06
C ALA A 389 -9.56 -5.82 -6.48
N ARG A 390 -8.52 -6.43 -5.88
CA ARG A 390 -7.11 -6.01 -6.07
C ARG A 390 -6.44 -6.74 -7.26
N LEU A 391 -7.00 -7.86 -7.72
CA LEU A 391 -6.41 -8.72 -8.79
C LEU A 391 -7.46 -8.95 -9.87
N ARG A 392 -7.23 -8.41 -11.06
CA ARG A 392 -7.99 -8.74 -12.29
C ARG A 392 -7.19 -9.81 -13.05
N ALA A 393 -7.75 -11.02 -13.15
CA ALA A 393 -7.05 -12.22 -13.66
C ALA A 393 -7.91 -12.93 -14.70
N LYS A 394 -7.26 -13.72 -15.55
CA LYS A 394 -7.97 -14.54 -16.57
C LYS A 394 -8.56 -15.75 -15.86
N HIS A 395 -7.82 -16.32 -14.90
CA HIS A 395 -8.21 -17.53 -14.13
C HIS A 395 -7.84 -17.43 -12.65
N TYR A 396 -8.81 -17.77 -11.79
CA TYR A 396 -8.70 -17.86 -10.31
C TYR A 396 -8.71 -19.34 -9.92
N VAL A 397 -7.70 -19.77 -9.14
CA VAL A 397 -7.72 -21.14 -8.54
C VAL A 397 -7.79 -21.02 -7.02
N TYR A 398 -8.81 -21.67 -6.46
CA TYR A 398 -9.12 -21.72 -5.00
C TYR A 398 -8.73 -23.11 -4.50
N ILE A 399 -7.68 -23.11 -3.69
CA ILE A 399 -7.11 -24.35 -3.12
C ILE A 399 -7.28 -24.37 -1.60
N GLY A 400 -7.85 -25.47 -1.12
CA GLY A 400 -7.78 -25.84 0.30
C GLY A 400 -8.68 -27.01 0.58
N ASP A 401 -9.30 -27.01 1.75
CA ASP A 401 -10.02 -28.20 2.25
C ASP A 401 -11.04 -27.72 3.28
N PRO A 402 -12.35 -27.89 2.98
CA PRO A 402 -13.39 -27.57 3.94
C PRO A 402 -13.46 -28.52 5.14
N ALA A 403 -12.74 -29.64 5.12
CA ALA A 403 -12.62 -30.55 6.27
C ALA A 403 -11.50 -30.05 7.21
N GLN A 404 -10.85 -28.93 6.87
CA GLN A 404 -9.83 -28.28 7.73
C GLN A 404 -10.42 -27.02 8.39
N LEU A 405 -9.58 -26.25 9.09
CA LEU A 405 -10.06 -25.21 10.03
C LEU A 405 -10.42 -23.91 9.31
N PRO A 406 -11.51 -23.25 9.75
CA PRO A 406 -11.90 -21.94 9.22
C PRO A 406 -11.16 -20.82 9.96
N ALA A 407 -11.31 -19.58 9.45
CA ALA A 407 -10.92 -18.34 10.16
C ALA A 407 -11.69 -18.26 11.48
N PRO A 408 -11.04 -17.94 12.61
CA PRO A 408 -11.78 -17.77 13.86
C PRO A 408 -12.82 -16.64 13.68
N ARG A 409 -14.02 -16.79 14.25
CA ARG A 409 -15.10 -15.77 14.31
C ARG A 409 -15.17 -15.25 15.75
N THR A 410 -14.46 -14.18 16.07
CA THR A 410 -14.31 -13.73 17.47
C THR A 410 -15.69 -13.38 18.07
N LEU A 411 -16.70 -13.01 17.27
CA LEU A 411 -18.02 -12.65 17.83
C LEU A 411 -18.90 -13.89 18.03
N LEU A 412 -18.73 -14.94 17.22
CA LEU A 412 -19.52 -16.20 17.25
C LEU A 412 -19.30 -16.95 18.57
N THR A 413 -20.35 -17.04 19.40
CA THR A 413 -20.33 -17.75 20.70
C THR A 413 -21.45 -18.79 20.79
N LYS A 414 -22.40 -18.79 19.87
CA LYS A 414 -23.55 -19.75 19.93
C LYS A 414 -23.68 -20.50 18.60
N GLY A 415 -23.66 -21.83 18.64
CA GLY A 415 -23.80 -22.69 17.46
C GLY A 415 -22.44 -22.97 16.85
N THR A 416 -22.37 -24.01 16.02
CA THR A 416 -21.13 -24.43 15.33
C THR A 416 -21.30 -24.07 13.86
N LEU A 417 -20.31 -23.36 13.35
CA LEU A 417 -20.20 -22.99 11.91
C LEU A 417 -19.76 -24.20 11.11
N GLU A 418 -20.67 -24.80 10.36
CA GLU A 418 -20.37 -25.93 9.44
C GLU A 418 -19.47 -25.43 8.31
N PRO A 419 -18.65 -26.33 7.72
CA PRO A 419 -17.80 -26.04 6.56
C PRO A 419 -18.51 -25.36 5.37
N GLU A 420 -19.75 -25.74 5.09
CA GLU A 420 -20.50 -25.19 3.92
C GLU A 420 -20.83 -23.71 4.12
N TYR A 421 -20.49 -23.11 5.26
CA TYR A 421 -20.77 -21.70 5.58
C TYR A 421 -19.47 -20.94 5.89
N PHE A 422 -18.32 -21.57 5.64
CA PHE A 422 -17.00 -20.94 5.88
C PHE A 422 -16.89 -19.73 4.94
N ASN A 423 -17.20 -19.93 3.66
CA ASN A 423 -17.11 -18.87 2.63
C ASN A 423 -17.74 -19.45 1.38
N SER A 424 -17.82 -18.68 0.29
CA SER A 424 -18.55 -19.05 -0.96
C SER A 424 -17.87 -20.28 -1.59
N VAL A 425 -16.54 -20.30 -1.57
CA VAL A 425 -15.73 -21.40 -2.16
C VAL A 425 -16.06 -22.70 -1.39
N CYS A 426 -15.93 -22.69 -0.06
CA CYS A 426 -16.26 -23.88 0.76
C CYS A 426 -17.72 -24.24 0.53
N ARG A 427 -18.63 -23.26 0.43
CA ARG A 427 -20.06 -23.57 0.19
C ARG A 427 -20.18 -24.36 -1.10
N LEU A 428 -19.55 -23.88 -2.18
CA LEU A 428 -19.56 -24.56 -3.50
C LEU A 428 -19.01 -25.98 -3.32
N MET A 429 -17.82 -26.06 -2.71
CA MET A 429 -17.12 -27.36 -2.51
C MET A 429 -18.02 -28.31 -1.73
N LYS A 430 -18.90 -27.82 -0.85
CA LYS A 430 -19.69 -28.70 0.06
C LYS A 430 -21.05 -29.01 -0.55
N THR A 431 -21.48 -28.27 -1.57
CA THR A 431 -22.80 -28.46 -2.23
C THR A 431 -22.58 -29.21 -3.55
N ILE A 432 -22.02 -28.54 -4.55
CA ILE A 432 -21.85 -29.08 -5.94
C ILE A 432 -20.54 -29.88 -6.02
N GLY A 433 -19.74 -29.91 -4.95
CA GLY A 433 -18.44 -30.57 -4.93
C GLY A 433 -17.33 -29.67 -5.49
N PRO A 434 -16.06 -30.07 -5.33
CA PRO A 434 -14.95 -29.27 -5.87
C PRO A 434 -14.75 -29.66 -7.35
N ASP A 435 -14.06 -28.81 -8.13
CA ASP A 435 -13.79 -29.08 -9.56
C ASP A 435 -12.78 -30.22 -9.65
N MET A 436 -11.91 -30.29 -8.64
CA MET A 436 -10.70 -31.14 -8.62
C MET A 436 -10.49 -31.56 -7.17
N PHE A 437 -10.24 -32.85 -6.94
CA PHE A 437 -10.02 -33.48 -5.60
C PHE A 437 -8.68 -34.22 -5.68
N LEU A 438 -7.68 -33.85 -4.87
CA LEU A 438 -6.46 -34.68 -4.68
C LEU A 438 -6.81 -35.82 -3.70
N GLY A 439 -6.85 -37.06 -4.19
CA GLY A 439 -7.43 -38.22 -3.51
C GLY A 439 -6.43 -39.15 -2.84
N THR A 440 -5.13 -38.85 -2.86
CA THR A 440 -4.08 -39.72 -2.29
C THR A 440 -3.23 -38.92 -1.31
N CYS A 441 -3.37 -39.21 -0.02
CA CYS A 441 -2.48 -38.71 1.07
C CYS A 441 -1.11 -39.39 0.96
N ARG A 442 -0.05 -38.63 0.73
CA ARG A 442 1.35 -39.13 0.62
C ARG A 442 2.09 -38.92 1.93
N ARG A 443 1.48 -38.24 2.92
CA ARG A 443 2.18 -37.82 4.16
C ARG A 443 1.99 -38.85 5.28
N CYS A 444 0.76 -39.34 5.50
CA CYS A 444 0.34 -39.91 6.80
C CYS A 444 0.37 -41.44 6.77
N PRO A 445 0.76 -42.07 7.88
CA PRO A 445 0.60 -43.51 8.04
C PRO A 445 -0.87 -43.88 7.78
N ALA A 446 -1.11 -45.04 7.18
CA ALA A 446 -2.46 -45.42 6.74
C ALA A 446 -3.48 -45.37 7.90
N GLU A 447 -3.06 -45.57 9.15
CA GLU A 447 -3.99 -45.60 10.31
C GLU A 447 -4.72 -44.25 10.39
N ILE A 448 -3.96 -43.17 10.25
CA ILE A 448 -4.47 -41.78 10.23
C ILE A 448 -5.31 -41.55 8.97
N VAL A 449 -4.84 -42.00 7.81
CA VAL A 449 -5.55 -41.78 6.51
C VAL A 449 -6.91 -42.50 6.57
N ASP A 450 -6.93 -43.75 7.03
CA ASP A 450 -8.18 -44.55 7.15
C ASP A 450 -9.17 -43.83 8.08
N THR A 451 -8.68 -43.26 9.19
CA THR A 451 -9.54 -42.60 10.21
C THR A 451 -10.18 -41.31 9.66
N VAL A 452 -9.37 -40.39 9.14
CA VAL A 452 -9.86 -39.10 8.60
C VAL A 452 -10.62 -39.35 7.29
N SER A 453 -10.24 -40.33 6.47
CA SER A 453 -10.98 -40.70 5.23
C SER A 453 -12.43 -40.99 5.59
N ALA A 454 -12.66 -41.79 6.63
CA ALA A 454 -14.03 -42.19 7.05
C ALA A 454 -14.72 -40.99 7.72
N LEU A 455 -13.99 -40.24 8.56
CA LEU A 455 -14.56 -39.19 9.42
C LEU A 455 -15.09 -38.04 8.57
N VAL A 456 -14.29 -37.50 7.63
CA VAL A 456 -14.62 -36.21 6.96
C VAL A 456 -14.63 -36.34 5.43
N TYR A 457 -14.06 -37.39 4.85
CA TYR A 457 -13.81 -37.44 3.37
C TYR A 457 -14.67 -38.50 2.68
N ASP A 458 -15.70 -39.02 3.35
CA ASP A 458 -16.63 -40.01 2.75
C ASP A 458 -15.82 -41.14 2.09
N ASN A 459 -14.76 -41.62 2.73
CA ASN A 459 -13.95 -42.78 2.29
C ASN A 459 -13.33 -42.56 0.92
N LYS A 460 -13.23 -41.31 0.45
CA LYS A 460 -12.61 -41.00 -0.87
C LYS A 460 -11.11 -40.76 -0.71
N LEU A 461 -10.58 -40.56 0.50
CA LEU A 461 -9.12 -40.31 0.69
C LEU A 461 -8.41 -41.65 0.84
N LYS A 462 -7.42 -41.91 -0.02
CA LYS A 462 -6.62 -43.17 -0.07
C LYS A 462 -5.24 -42.93 0.53
N ALA A 463 -4.67 -43.96 1.13
CA ALA A 463 -3.34 -43.93 1.77
C ALA A 463 -2.31 -44.40 0.74
N HIS A 464 -1.25 -43.64 0.57
CA HIS A 464 -0.06 -44.09 -0.17
C HIS A 464 0.84 -44.87 0.78
N LYS A 465 1.05 -44.35 1.99
CA LYS A 465 1.95 -45.00 2.97
C LYS A 465 1.22 -46.24 3.50
N ASP A 466 2.02 -47.15 4.05
CA ASP A 466 1.58 -48.33 4.81
C ASP A 466 1.16 -47.84 6.19
N LYS A 467 0.39 -48.66 6.93
CA LYS A 467 0.28 -48.52 8.40
C LYS A 467 1.70 -48.41 8.96
N SER A 468 2.00 -47.45 9.82
CA SER A 468 3.35 -47.28 10.43
C SER A 468 3.52 -48.23 11.61
N ALA A 469 2.42 -48.70 12.20
CA ALA A 469 2.39 -49.33 13.54
C ALA A 469 3.11 -48.43 14.58
N GLN A 470 3.07 -47.12 14.37
CA GLN A 470 3.55 -46.11 15.34
C GLN A 470 2.45 -45.08 15.62
N CYS A 471 1.17 -45.48 15.55
CA CYS A 471 0.00 -44.61 15.81
C CYS A 471 -0.77 -45.23 16.96
N PHE A 472 -0.84 -44.52 18.08
CA PHE A 472 -1.38 -45.03 19.38
C PHE A 472 -2.45 -44.07 19.89
N LYS A 473 -3.49 -44.63 20.51
CA LYS A 473 -4.56 -43.85 21.16
C LYS A 473 -4.61 -44.30 22.61
N MET A 474 -4.98 -43.42 23.54
CA MET A 474 -5.18 -43.80 24.95
C MET A 474 -6.37 -42.99 25.46
N PHE A 475 -7.35 -43.66 26.04
CA PHE A 475 -8.56 -42.99 26.57
C PHE A 475 -8.22 -42.63 28.03
N TYR A 476 -7.90 -41.37 28.28
CA TYR A 476 -7.51 -40.89 29.64
C TYR A 476 -8.13 -39.51 29.90
N LYS A 477 -9.26 -39.45 30.59
CA LYS A 477 -10.00 -38.17 30.78
C LYS A 477 -9.19 -37.22 31.69
N GLY A 478 -8.45 -37.76 32.64
CA GLY A 478 -7.55 -36.94 33.47
C GLY A 478 -8.36 -35.95 34.27
N VAL A 479 -7.86 -34.73 34.41
CA VAL A 479 -8.49 -33.71 35.30
C VAL A 479 -8.28 -32.41 34.56
N ILE A 480 -9.31 -31.59 34.50
CA ILE A 480 -9.35 -30.42 33.61
C ILE A 480 -9.40 -29.18 34.48
N THR A 481 -8.38 -28.35 34.38
CA THR A 481 -8.23 -27.09 35.14
C THR A 481 -8.29 -26.01 34.08
N HIS A 482 -8.69 -24.81 34.43
CA HIS A 482 -8.80 -23.72 33.45
C HIS A 482 -7.94 -22.55 33.92
N ASP A 483 -7.12 -22.03 33.02
CA ASP A 483 -6.41 -20.73 33.13
C ASP A 483 -7.35 -19.69 32.52
N VAL A 484 -8.37 -19.29 33.28
CA VAL A 484 -9.52 -18.48 32.80
C VAL A 484 -10.48 -19.43 32.07
N SER A 485 -10.34 -19.54 30.75
CA SER A 485 -11.16 -20.38 29.84
C SER A 485 -10.30 -21.37 29.04
N SER A 486 -9.02 -21.04 28.78
CA SER A 486 -8.07 -21.99 28.17
C SER A 486 -7.94 -23.18 29.13
N ALA A 487 -8.09 -24.40 28.61
CA ALA A 487 -8.12 -25.66 29.39
C ALA A 487 -6.71 -26.22 29.58
N ILE A 488 -6.46 -26.86 30.72
CA ILE A 488 -5.23 -27.64 31.02
C ILE A 488 -5.67 -29.02 31.54
N ASN A 489 -4.87 -30.05 31.24
CA ASN A 489 -5.06 -31.43 31.73
C ASN A 489 -3.67 -31.95 32.10
N ARG A 490 -3.26 -31.74 33.35
CA ARG A 490 -1.94 -32.16 33.86
C ARG A 490 -1.83 -33.69 33.78
N PRO A 491 -2.83 -34.47 34.25
CA PRO A 491 -2.73 -35.91 34.11
C PRO A 491 -2.50 -36.37 32.65
N GLN A 492 -3.16 -35.79 31.66
CA GLN A 492 -2.89 -36.18 30.24
C GLN A 492 -1.43 -35.87 29.90
N ILE A 493 -0.85 -34.80 30.44
CA ILE A 493 0.60 -34.48 30.25
C ILE A 493 1.47 -35.52 30.98
N GLY A 494 1.01 -35.97 32.15
CA GLY A 494 1.74 -36.95 32.98
C GLY A 494 1.87 -38.27 32.26
N VAL A 495 0.75 -38.78 31.74
CA VAL A 495 0.71 -39.98 30.85
C VAL A 495 1.69 -39.84 29.69
N VAL A 496 1.78 -38.66 29.06
CA VAL A 496 2.73 -38.37 27.96
C VAL A 496 4.16 -38.50 28.50
N ARG A 497 4.44 -37.88 29.66
CA ARG A 497 5.77 -37.95 30.32
C ARG A 497 6.13 -39.43 30.58
N GLU A 498 5.19 -40.28 31.00
CA GLU A 498 5.49 -41.71 31.27
C GLU A 498 5.84 -42.38 29.95
N PHE A 499 5.05 -42.11 28.92
CA PHE A 499 5.17 -42.71 27.58
C PHE A 499 6.55 -42.37 27.00
N LEU A 500 6.99 -41.13 27.18
CA LEU A 500 8.26 -40.63 26.58
C LEU A 500 9.46 -41.42 27.11
N THR A 501 9.46 -41.77 28.40
CA THR A 501 10.59 -42.51 29.02
C THR A 501 10.67 -43.90 28.38
N ARG A 502 9.56 -44.45 27.89
CA ARG A 502 9.45 -45.84 27.37
C ARG A 502 9.51 -45.83 25.85
N ASN A 503 9.57 -44.65 25.23
CA ASN A 503 9.45 -44.53 23.75
C ASN A 503 10.41 -43.43 23.29
N PRO A 504 11.72 -43.50 23.63
CA PRO A 504 12.62 -42.33 23.52
C PRO A 504 12.71 -41.72 22.12
N ALA A 505 12.38 -42.49 21.08
CA ALA A 505 12.33 -42.03 19.66
C ALA A 505 11.35 -40.86 19.50
N TRP A 506 10.36 -40.73 20.40
CA TRP A 506 9.30 -39.70 20.34
C TRP A 506 9.78 -38.41 20.99
N ARG A 507 11.03 -38.37 21.45
CA ARG A 507 11.62 -37.19 22.14
C ARG A 507 11.65 -36.02 21.15
N LYS A 508 11.71 -36.32 19.86
CA LYS A 508 11.69 -35.34 18.74
C LYS A 508 10.23 -34.92 18.42
N ALA A 509 9.22 -35.40 19.15
CA ALA A 509 7.79 -35.20 18.81
C ALA A 509 7.40 -33.73 19.03
N VAL A 510 6.54 -33.21 18.16
CA VAL A 510 5.77 -31.95 18.39
C VAL A 510 4.57 -32.32 19.24
N PHE A 511 4.38 -31.61 20.35
CA PHE A 511 3.19 -31.70 21.24
C PHE A 511 2.10 -30.79 20.69
N ILE A 512 0.88 -31.31 20.57
CA ILE A 512 -0.27 -30.56 19.98
C ILE A 512 -1.50 -30.80 20.84
N SER A 513 -2.23 -29.72 21.11
CA SER A 513 -3.46 -29.73 21.92
C SER A 513 -4.34 -28.62 21.40
N PRO A 514 -5.65 -28.65 21.69
CA PRO A 514 -6.55 -27.58 21.26
C PRO A 514 -6.42 -26.28 22.06
N TYR A 515 -5.48 -26.20 23.02
CA TYR A 515 -5.43 -25.17 24.07
C TYR A 515 -4.01 -24.68 24.35
N ASN A 516 -3.81 -23.37 24.19
CA ASN A 516 -2.57 -22.63 24.53
C ASN A 516 -2.09 -23.01 25.94
N SER A 517 -2.99 -22.94 26.92
CA SER A 517 -2.58 -23.12 28.32
C SER A 517 -2.11 -24.56 28.51
N GLN A 518 -2.67 -25.53 27.79
CA GLN A 518 -2.21 -26.95 27.87
C GLN A 518 -0.79 -26.99 27.28
N ASN A 519 -0.59 -26.34 26.14
CA ASN A 519 0.72 -26.29 25.44
C ASN A 519 1.75 -25.63 26.38
N ALA A 520 1.38 -24.53 27.05
CA ALA A 520 2.22 -23.80 28.03
C ALA A 520 2.74 -24.76 29.08
N VAL A 521 1.87 -25.58 29.66
CA VAL A 521 2.24 -26.58 30.71
C VAL A 521 3.07 -27.73 30.11
N ALA A 522 2.69 -28.22 28.93
CA ALA A 522 3.38 -29.34 28.23
C ALA A 522 4.80 -28.91 27.84
N SER A 523 4.98 -27.65 27.45
CA SER A 523 6.31 -27.07 27.17
C SER A 523 7.21 -27.25 28.39
N LYS A 524 6.78 -26.79 29.57
CA LYS A 524 7.62 -26.81 30.80
C LYS A 524 7.87 -28.27 31.23
N ILE A 525 6.86 -29.13 31.27
CA ILE A 525 7.00 -30.50 31.86
C ILE A 525 7.76 -31.43 30.87
N LEU A 526 7.43 -31.40 29.58
CA LEU A 526 7.94 -32.34 28.54
C LEU A 526 9.15 -31.76 27.80
N GLY A 527 9.21 -30.44 27.64
CA GLY A 527 10.26 -29.76 26.86
C GLY A 527 10.15 -30.00 25.38
N LEU A 528 9.07 -30.61 24.89
CA LEU A 528 8.86 -30.79 23.41
C LEU A 528 8.50 -29.44 22.84
N PRO A 529 8.74 -29.18 21.54
CA PRO A 529 8.10 -28.05 20.88
C PRO A 529 6.58 -28.27 20.92
N THR A 530 5.85 -27.18 20.83
CA THR A 530 4.43 -27.07 21.22
C THR A 530 3.67 -26.34 20.10
N GLN A 531 2.44 -26.76 19.82
CA GLN A 531 1.63 -26.16 18.75
C GLN A 531 0.14 -26.34 19.09
N THR A 532 -0.69 -25.33 18.92
CA THR A 532 -2.16 -25.53 18.92
C THR A 532 -2.52 -26.28 17.64
N VAL A 533 -3.63 -27.01 17.63
CA VAL A 533 -4.14 -27.63 16.38
C VAL A 533 -4.19 -26.55 15.28
N ASP A 534 -4.75 -25.37 15.59
CA ASP A 534 -5.06 -24.32 14.60
C ASP A 534 -3.75 -23.79 13.99
N SER A 535 -2.71 -23.53 14.78
CA SER A 535 -1.38 -23.09 14.24
C SER A 535 -0.62 -24.27 13.56
N SER A 536 -0.99 -25.53 13.82
CA SER A 536 -0.31 -26.71 13.21
C SER A 536 -0.72 -26.86 11.75
N GLN A 537 -1.84 -26.26 11.35
CA GLN A 537 -2.47 -26.51 10.03
C GLN A 537 -1.46 -26.06 8.98
N GLY A 538 -1.28 -26.85 7.93
CA GLY A 538 -0.26 -26.64 6.87
C GLY A 538 1.09 -27.26 7.18
N SER A 539 1.39 -27.63 8.43
CA SER A 539 2.70 -28.19 8.85
C SER A 539 2.61 -29.71 8.96
N GLU A 540 3.77 -30.36 8.91
CA GLU A 540 3.94 -31.82 9.10
C GLU A 540 5.18 -32.06 9.97
N TYR A 541 5.10 -33.07 10.83
CA TYR A 541 6.19 -33.48 11.76
C TYR A 541 6.23 -35.01 11.75
N ASP A 542 7.40 -35.61 11.91
CA ASP A 542 7.57 -37.09 11.90
C ASP A 542 6.64 -37.71 12.96
N TYR A 543 6.77 -37.24 14.20
CA TYR A 543 5.98 -37.67 15.38
C TYR A 543 5.18 -36.50 15.95
N VAL A 544 3.96 -36.80 16.33
CA VAL A 544 3.01 -35.84 16.95
C VAL A 544 2.51 -36.51 18.22
N ILE A 545 2.39 -35.73 19.29
CA ILE A 545 1.70 -36.16 20.54
C ILE A 545 0.57 -35.18 20.70
N PHE A 546 -0.66 -35.68 20.67
CA PHE A 546 -1.93 -34.92 20.81
C PHE A 546 -2.56 -35.30 22.14
N THR A 547 -2.77 -34.33 23.04
CA THR A 547 -3.70 -34.48 24.19
C THR A 547 -4.93 -33.64 23.88
N GLN A 548 -6.09 -34.27 23.81
CA GLN A 548 -7.36 -33.60 23.45
C GLN A 548 -7.74 -32.61 24.56
N THR A 549 -7.29 -32.85 25.79
CA THR A 549 -7.39 -31.93 26.96
C THR A 549 -8.79 -31.97 27.59
N THR A 550 -9.82 -31.71 26.79
CA THR A 550 -11.23 -31.61 27.24
C THR A 550 -12.17 -32.36 26.29
N GLU A 551 -13.43 -32.52 26.66
CA GLU A 551 -14.52 -33.02 25.78
C GLU A 551 -15.45 -31.91 25.32
N THR A 552 -14.96 -30.70 25.07
CA THR A 552 -15.81 -29.57 24.58
C THR A 552 -16.07 -29.68 23.07
N ALA A 553 -16.86 -28.77 22.53
CA ALA A 553 -17.19 -28.74 21.09
C ALA A 553 -15.96 -28.26 20.31
N HIS A 554 -15.12 -27.44 20.94
CA HIS A 554 -13.81 -26.99 20.42
C HIS A 554 -12.89 -28.20 20.20
N SER A 555 -12.74 -29.03 21.21
CA SER A 555 -11.77 -30.14 21.19
C SER A 555 -12.34 -31.36 20.46
N CYS A 556 -13.65 -31.40 20.22
CA CYS A 556 -14.30 -32.53 19.50
C CYS A 556 -14.66 -32.14 18.07
N ASN A 557 -14.39 -30.89 17.70
CA ASN A 557 -14.67 -30.41 16.33
C ASN A 557 -13.97 -31.37 15.36
N VAL A 558 -14.74 -32.01 14.45
CA VAL A 558 -14.15 -33.04 13.55
C VAL A 558 -13.08 -32.40 12.65
N ASN A 559 -13.24 -31.13 12.31
CA ASN A 559 -12.27 -30.43 11.41
C ASN A 559 -10.97 -30.26 12.18
N ARG A 560 -11.05 -29.81 13.44
CA ARG A 560 -9.85 -29.62 14.30
C ARG A 560 -9.16 -30.99 14.48
N PHE A 561 -9.95 -32.00 14.87
CA PHE A 561 -9.45 -33.37 15.05
C PHE A 561 -8.76 -33.90 13.78
N ASN A 562 -9.39 -33.76 12.60
CA ASN A 562 -8.80 -34.10 11.29
C ASN A 562 -7.41 -33.43 11.15
N VAL A 563 -7.30 -32.12 11.34
CA VAL A 563 -6.00 -31.40 11.19
C VAL A 563 -5.01 -31.98 12.21
N ALA A 564 -5.37 -32.01 13.49
CA ALA A 564 -4.49 -32.49 14.58
C ALA A 564 -3.76 -33.77 14.19
N ILE A 565 -4.46 -34.82 13.73
CA ILE A 565 -3.85 -36.16 13.59
C ILE A 565 -3.20 -36.30 12.23
N THR A 566 -3.56 -35.48 11.23
CA THR A 566 -2.93 -35.51 9.89
C THR A 566 -1.70 -34.60 9.87
N ARG A 567 -1.14 -34.20 10.99
CA ARG A 567 0.18 -33.50 10.95
C ARG A 567 1.32 -34.53 10.89
N ALA A 568 1.08 -35.80 11.26
CA ALA A 568 2.16 -36.80 11.51
C ALA A 568 2.57 -37.51 10.21
N LYS A 569 3.87 -37.68 10.04
CA LYS A 569 4.46 -38.42 8.89
C LYS A 569 4.71 -39.89 9.28
N VAL A 570 4.93 -40.19 10.55
CA VAL A 570 5.45 -41.51 11.01
C VAL A 570 4.61 -42.01 12.17
N GLY A 571 4.57 -41.25 13.27
CA GLY A 571 3.88 -41.69 14.49
C GLY A 571 2.98 -40.62 15.07
N ILE A 572 1.95 -41.04 15.77
CA ILE A 572 1.10 -40.15 16.61
C ILE A 572 0.63 -40.91 17.83
N LEU A 573 0.64 -40.23 18.97
CA LEU A 573 0.02 -40.67 20.22
C LEU A 573 -1.10 -39.68 20.51
N CYS A 574 -2.33 -40.18 20.62
CA CYS A 574 -3.54 -39.41 20.96
C CYS A 574 -4.00 -39.85 22.32
N ILE A 575 -3.96 -38.94 23.30
CA ILE A 575 -4.55 -39.11 24.64
C ILE A 575 -5.90 -38.44 24.49
N MET A 576 -6.98 -39.22 24.53
CA MET A 576 -8.35 -38.80 24.14
C MET A 576 -9.22 -38.61 25.39
N SER A 577 -10.15 -37.69 25.31
CA SER A 577 -11.17 -37.38 26.35
C SER A 577 -12.54 -37.87 25.87
N ASP A 578 -12.72 -37.94 24.55
CA ASP A 578 -14.00 -38.19 23.85
C ASP A 578 -14.02 -39.63 23.36
N ARG A 579 -14.99 -40.43 23.83
CA ARG A 579 -15.12 -41.88 23.51
C ARG A 579 -15.31 -42.03 22.01
N ASP A 580 -16.19 -41.22 21.45
CA ASP A 580 -16.60 -41.24 20.02
C ASP A 580 -15.32 -41.16 19.17
N LEU A 581 -14.55 -40.07 19.33
CA LEU A 581 -13.36 -39.82 18.49
C LEU A 581 -12.28 -40.85 18.83
N TYR A 582 -12.22 -41.26 20.10
CA TYR A 582 -11.27 -42.31 20.58
C TYR A 582 -11.55 -43.63 19.84
N ASP A 583 -12.83 -44.05 19.79
CA ASP A 583 -13.23 -45.35 19.17
C ASP A 583 -12.98 -45.25 17.66
N LYS A 584 -13.21 -44.08 17.04
CA LYS A 584 -13.03 -43.89 15.59
C LYS A 584 -11.56 -44.01 15.23
N LEU A 585 -10.63 -43.68 16.12
CA LEU A 585 -9.19 -43.74 15.76
C LEU A 585 -8.83 -45.20 15.48
N GLN A 586 -8.38 -45.49 14.27
CA GLN A 586 -7.95 -46.85 13.87
C GLN A 586 -6.48 -46.98 14.26
N PHE A 587 -6.20 -46.83 15.57
CA PHE A 587 -4.83 -46.89 16.12
C PHE A 587 -4.81 -48.05 17.10
N THR A 588 -3.61 -48.51 17.40
CA THR A 588 -3.33 -49.43 18.52
C THR A 588 -3.57 -48.68 19.84
N SER A 589 -4.37 -49.26 20.73
CA SER A 589 -4.58 -48.70 22.10
C SER A 589 -3.40 -49.04 23.01
N LEU A 590 -3.02 -48.11 23.88
CA LEU A 590 -2.08 -48.32 24.99
C LEU A 590 -2.86 -48.40 26.32
N GLU A 591 -2.15 -48.75 27.40
CA GLU A 591 -2.66 -48.93 28.78
C GLU A 591 -1.80 -48.18 29.81
N ILE A 592 -2.43 -47.79 30.92
CA ILE A 592 -1.88 -47.17 32.17
C ILE A 592 -2.70 -45.89 32.42
N VAL B 2 5.24 -10.67 -23.05
CA VAL B 2 4.47 -10.41 -24.30
C VAL B 2 3.61 -9.14 -24.14
N GLY B 3 3.63 -8.22 -25.12
CA GLY B 3 2.93 -6.92 -25.07
C GLY B 3 3.24 -5.99 -26.26
N ALA B 4 3.22 -4.67 -26.03
CA ALA B 4 3.22 -3.62 -27.07
C ALA B 4 4.52 -2.80 -27.06
N CYS B 5 5.03 -2.47 -28.25
CA CYS B 5 6.31 -1.74 -28.50
C CYS B 5 6.16 -0.31 -27.97
N VAL B 6 7.15 0.22 -27.24
CA VAL B 6 7.13 1.59 -26.65
C VAL B 6 7.36 2.63 -27.76
N LEU B 7 7.65 2.22 -28.99
CA LEU B 7 7.92 3.17 -30.10
C LEU B 7 6.82 3.09 -31.16
N CYS B 8 6.39 1.88 -31.50
CA CYS B 8 5.46 1.58 -32.64
C CYS B 8 4.06 1.26 -32.12
N ASN B 9 3.97 0.69 -30.92
CA ASN B 9 2.73 0.10 -30.38
C ASN B 9 2.54 -1.28 -31.03
N SER B 10 3.21 -1.54 -32.16
CA SER B 10 3.28 -2.89 -32.79
C SER B 10 3.47 -3.95 -31.70
N GLN B 11 2.61 -4.97 -31.65
CA GLN B 11 2.65 -6.06 -30.65
C GLN B 11 4.03 -6.72 -30.70
N THR B 12 4.45 -7.45 -29.65
CA THR B 12 5.74 -8.19 -29.64
C THR B 12 5.83 -9.30 -28.59
N SER B 13 6.76 -10.24 -28.82
CA SER B 13 7.22 -11.19 -27.78
C SER B 13 8.62 -10.80 -27.28
N LEU B 14 9.06 -9.57 -27.54
CA LEU B 14 10.48 -9.13 -27.35
C LEU B 14 10.52 -7.96 -26.36
N ARG B 15 11.43 -8.03 -25.40
CA ARG B 15 11.83 -6.88 -24.54
C ARG B 15 13.36 -6.75 -24.56
N CYS B 16 13.87 -5.52 -24.53
CA CYS B 16 15.32 -5.25 -24.33
C CYS B 16 15.67 -5.61 -22.90
N GLY B 17 16.55 -6.59 -22.71
CA GLY B 17 17.01 -7.04 -21.39
C GLY B 17 18.15 -6.19 -20.84
N ALA B 18 18.72 -5.29 -21.65
CA ALA B 18 19.83 -4.38 -21.26
C ALA B 18 19.24 -3.00 -20.88
N CYS B 19 18.06 -2.65 -21.40
CA CYS B 19 17.25 -1.49 -20.89
C CYS B 19 16.74 -1.78 -19.48
N ILE B 20 16.94 -0.86 -18.55
CA ILE B 20 16.71 -1.25 -17.13
C ILE B 20 15.21 -1.45 -16.94
N ARG B 21 14.37 -0.95 -17.85
CA ARG B 21 12.87 -1.07 -17.74
C ARG B 21 12.34 -2.19 -18.64
N ARG B 22 13.23 -2.90 -19.32
CA ARG B 22 12.88 -4.08 -20.15
C ARG B 22 11.66 -3.77 -21.01
N PRO B 23 11.69 -2.66 -21.79
CA PRO B 23 10.57 -2.25 -22.61
C PRO B 23 10.31 -3.31 -23.70
N PHE B 24 9.05 -3.50 -24.08
CA PHE B 24 8.71 -4.27 -25.30
C PHE B 24 9.23 -3.47 -26.49
N LEU B 25 9.91 -4.15 -27.40
CA LEU B 25 10.32 -3.60 -28.71
C LEU B 25 9.93 -4.65 -29.76
N CYS B 26 9.16 -4.25 -30.78
CA CYS B 26 8.69 -5.12 -31.88
C CYS B 26 9.93 -5.61 -32.63
N CYS B 27 9.71 -6.54 -33.54
CA CYS B 27 10.81 -7.16 -34.33
C CYS B 27 11.64 -6.03 -34.96
N LYS B 28 11.01 -4.93 -35.35
CA LYS B 28 11.68 -3.89 -36.18
C LYS B 28 12.49 -3.00 -35.24
N CYS B 29 11.82 -2.44 -34.22
CA CYS B 29 12.42 -1.42 -33.33
C CYS B 29 13.49 -2.12 -32.46
N CYS B 30 13.30 -3.40 -32.12
CA CYS B 30 14.26 -4.17 -31.31
C CYS B 30 15.62 -4.27 -32.01
N TYR B 31 15.60 -4.65 -33.30
CA TYR B 31 16.75 -4.66 -34.24
C TYR B 31 17.45 -3.28 -34.32
N ASP B 32 16.71 -2.22 -34.66
CA ASP B 32 17.28 -0.85 -34.77
C ASP B 32 17.92 -0.42 -33.44
N HIS B 33 17.36 -0.80 -32.28
CA HIS B 33 17.96 -0.53 -30.94
C HIS B 33 19.27 -1.31 -30.81
N VAL B 34 19.24 -2.65 -30.95
CA VAL B 34 20.41 -3.52 -30.62
C VAL B 34 21.58 -3.22 -31.55
N ILE B 35 21.37 -2.93 -32.84
CA ILE B 35 22.51 -2.65 -33.77
C ILE B 35 23.06 -1.24 -33.55
N SER B 36 22.34 -0.34 -32.87
CA SER B 36 22.73 1.09 -32.74
C SER B 36 23.35 1.39 -31.38
N THR B 37 23.35 0.42 -30.46
CA THR B 37 23.76 0.59 -29.04
C THR B 37 24.57 -0.63 -28.60
N SER B 38 25.13 -0.57 -27.39
CA SER B 38 25.72 -1.71 -26.66
C SER B 38 24.63 -2.68 -26.18
N HIS B 39 23.36 -2.29 -26.22
CA HIS B 39 22.24 -3.16 -25.72
C HIS B 39 22.08 -4.35 -26.67
N LYS B 40 22.43 -5.59 -26.25
CA LYS B 40 22.26 -6.76 -27.15
C LYS B 40 21.54 -7.93 -26.46
N LEU B 41 21.27 -7.86 -25.15
CA LEU B 41 20.45 -8.91 -24.51
C LEU B 41 18.99 -8.65 -24.88
N VAL B 42 18.31 -9.62 -25.52
CA VAL B 42 16.88 -9.51 -25.93
C VAL B 42 16.07 -10.59 -25.17
N LEU B 43 14.93 -10.21 -24.62
CA LEU B 43 14.09 -11.11 -23.80
C LEU B 43 12.83 -11.49 -24.58
N SER B 44 12.54 -12.79 -24.66
CA SER B 44 11.22 -13.34 -25.06
C SER B 44 10.67 -14.24 -23.96
N VAL B 45 9.79 -15.17 -24.30
CA VAL B 45 9.26 -16.20 -23.37
C VAL B 45 10.47 -16.82 -22.66
N ASN B 46 11.53 -17.11 -23.42
CA ASN B 46 12.90 -17.40 -22.90
C ASN B 46 13.81 -16.21 -23.22
N PRO B 47 14.90 -16.01 -22.45
CA PRO B 47 15.92 -15.02 -22.82
C PRO B 47 16.70 -15.53 -24.03
N TYR B 48 16.97 -14.63 -24.97
CA TYR B 48 17.77 -14.94 -26.18
C TYR B 48 19.21 -15.08 -25.71
N VAL B 49 19.59 -16.31 -25.34
CA VAL B 49 20.93 -16.66 -24.79
C VAL B 49 21.29 -18.06 -25.32
N CYS B 50 22.57 -18.38 -25.51
CA CYS B 50 23.01 -19.72 -25.98
C CYS B 50 22.68 -20.79 -24.94
N ASN B 51 21.86 -21.78 -25.32
CA ASN B 51 21.37 -22.89 -24.46
C ASN B 51 22.38 -24.05 -24.47
N ALA B 52 23.63 -23.84 -24.91
CA ALA B 52 24.72 -24.84 -24.86
C ALA B 52 25.38 -24.77 -23.49
N PRO B 53 25.61 -25.90 -22.77
CA PRO B 53 26.07 -25.86 -21.38
C PRO B 53 27.43 -25.15 -21.21
N GLY B 54 27.48 -24.17 -20.29
CA GLY B 54 28.69 -23.39 -19.97
C GLY B 54 29.10 -22.48 -21.12
N CYS B 55 28.13 -22.00 -21.91
CA CYS B 55 28.33 -20.92 -22.93
C CYS B 55 27.71 -19.61 -22.43
N ASP B 56 28.44 -18.50 -22.53
CA ASP B 56 28.03 -17.20 -21.94
C ASP B 56 27.57 -16.23 -23.03
N VAL B 57 27.26 -16.70 -24.26
CA VAL B 57 26.86 -15.80 -25.38
C VAL B 57 25.41 -15.33 -25.15
N THR B 58 25.22 -14.02 -24.96
CA THR B 58 23.92 -13.34 -24.69
C THR B 58 23.59 -12.32 -25.81
N ASP B 59 24.58 -11.91 -26.62
CA ASP B 59 24.43 -10.92 -27.74
C ASP B 59 23.53 -11.52 -28.82
N VAL B 60 22.36 -10.95 -29.04
CA VAL B 60 21.32 -11.44 -30.00
C VAL B 60 21.85 -11.42 -31.45
N THR B 61 22.85 -10.58 -31.77
CA THR B 61 23.48 -10.53 -33.12
C THR B 61 24.41 -11.75 -33.32
N GLN B 62 24.67 -12.54 -32.26
CA GLN B 62 25.63 -13.68 -32.29
C GLN B 62 24.86 -14.98 -32.10
N LEU B 63 23.53 -14.92 -32.02
CA LEU B 63 22.69 -16.10 -31.66
C LEU B 63 21.79 -16.49 -32.83
N TYR B 64 21.42 -17.79 -32.88
CA TYR B 64 20.57 -18.44 -33.91
C TYR B 64 19.48 -19.28 -33.23
N LEU B 65 18.28 -19.36 -33.80
CA LEU B 65 17.23 -20.34 -33.40
C LEU B 65 17.56 -21.69 -34.03
N GLY B 66 17.84 -22.70 -33.17
CA GLY B 66 18.35 -24.05 -33.51
C GLY B 66 17.33 -25.14 -33.18
N GLY B 67 16.32 -25.28 -34.03
CA GLY B 67 15.09 -26.04 -33.76
C GLY B 67 14.13 -25.23 -32.91
N MET B 68 14.24 -25.40 -31.59
CA MET B 68 13.35 -24.75 -30.60
C MET B 68 14.17 -24.05 -29.49
N SER B 69 15.47 -24.35 -29.35
CA SER B 69 16.43 -23.66 -28.44
C SER B 69 17.23 -22.59 -29.21
N TYR B 70 18.02 -21.78 -28.52
CA TYR B 70 18.85 -20.69 -29.10
C TYR B 70 20.33 -21.02 -28.84
N TYR B 71 21.18 -20.78 -29.84
CA TYR B 71 22.64 -21.07 -29.78
C TYR B 71 23.43 -19.97 -30.48
N CYS B 72 24.67 -19.78 -30.04
CA CYS B 72 25.67 -18.92 -30.73
C CYS B 72 26.19 -19.62 -32.00
N LYS B 73 27.13 -18.96 -32.67
CA LYS B 73 27.74 -19.43 -33.95
C LYS B 73 28.48 -20.74 -33.67
N SER B 74 29.00 -20.90 -32.44
CA SER B 74 29.89 -22.01 -32.02
C SER B 74 29.10 -23.25 -31.59
N HIS B 75 27.80 -23.12 -31.31
CA HIS B 75 27.01 -24.22 -30.70
C HIS B 75 25.75 -24.54 -31.50
N LYS B 76 25.45 -23.79 -32.57
CA LYS B 76 24.15 -23.95 -33.27
C LYS B 76 24.13 -25.34 -33.88
N PRO B 77 22.94 -25.93 -34.15
CA PRO B 77 22.83 -27.06 -35.08
C PRO B 77 22.91 -26.62 -36.55
N PRO B 78 23.01 -27.58 -37.50
CA PRO B 78 23.18 -27.25 -38.92
C PRO B 78 21.99 -26.47 -39.47
N ILE B 79 20.77 -26.90 -39.12
CA ILE B 79 19.49 -26.21 -39.45
C ILE B 79 19.18 -25.24 -38.30
N SER B 80 19.43 -23.95 -38.54
CA SER B 80 19.25 -22.83 -37.60
C SER B 80 19.26 -21.50 -38.37
N PHE B 81 18.50 -20.49 -37.94
CA PHE B 81 18.51 -19.16 -38.59
C PHE B 81 18.82 -18.06 -37.57
N PRO B 82 19.45 -16.95 -38.02
CA PRO B 82 19.95 -15.93 -37.11
C PRO B 82 18.73 -15.28 -36.44
N LEU B 83 18.80 -14.99 -35.15
CA LEU B 83 17.72 -14.26 -34.42
C LEU B 83 17.65 -12.83 -34.94
N CYS B 84 18.80 -12.30 -35.33
CA CYS B 84 19.00 -10.88 -35.69
C CYS B 84 19.48 -10.75 -37.14
N ALA B 85 18.61 -10.50 -38.08
CA ALA B 85 18.99 -10.31 -39.49
C ALA B 85 17.82 -9.71 -40.25
N ASN B 86 18.07 -8.99 -41.34
CA ASN B 86 16.99 -8.58 -42.28
C ASN B 86 16.20 -7.44 -41.64
N GLY B 87 16.85 -6.61 -40.82
CA GLY B 87 16.21 -5.46 -40.14
C GLY B 87 15.19 -5.87 -39.09
N GLN B 88 15.25 -7.11 -38.61
CA GLN B 88 14.33 -7.65 -37.60
C GLN B 88 15.11 -8.51 -36.61
N VAL B 89 14.62 -8.58 -35.37
CA VAL B 89 14.98 -9.66 -34.40
C VAL B 89 13.80 -10.65 -34.44
N PHE B 90 14.08 -11.94 -34.41
CA PHE B 90 13.01 -12.97 -34.46
C PHE B 90 12.16 -12.90 -33.18
N GLY B 91 10.85 -13.00 -33.37
CA GLY B 91 9.79 -12.98 -32.32
C GLY B 91 8.40 -12.91 -32.94
N LEU B 92 7.35 -13.20 -32.16
CA LEU B 92 5.91 -13.09 -32.55
C LEU B 92 5.64 -11.77 -33.30
N TYR B 93 4.55 -11.76 -34.06
CA TYR B 93 3.94 -10.57 -34.74
C TYR B 93 4.96 -9.97 -35.72
N LYS B 94 5.84 -10.84 -36.26
CA LYS B 94 6.92 -10.56 -37.26
C LYS B 94 6.35 -9.98 -38.56
N ASN B 95 5.02 -9.88 -38.69
CA ASN B 95 4.32 -9.32 -39.88
C ASN B 95 3.50 -8.06 -39.53
N THR B 96 3.32 -7.74 -38.23
CA THR B 96 2.58 -6.53 -37.71
C THR B 96 3.57 -5.55 -37.06
N CYS B 97 4.64 -5.18 -37.77
CA CYS B 97 5.68 -4.22 -37.32
C CYS B 97 5.75 -3.03 -38.28
N VAL B 98 5.78 -1.81 -37.76
CA VAL B 98 5.85 -0.57 -38.57
C VAL B 98 7.25 0.05 -38.51
N GLY B 99 7.87 0.09 -37.31
CA GLY B 99 9.20 0.68 -37.07
C GLY B 99 9.11 2.18 -36.84
N SER B 100 10.24 2.90 -36.95
CA SER B 100 10.31 4.38 -36.76
C SER B 100 11.30 5.00 -37.75
N ASP B 101 11.28 6.33 -37.89
CA ASP B 101 12.06 7.08 -38.92
C ASP B 101 13.49 7.29 -38.42
N ASN B 102 13.65 7.67 -37.13
CA ASN B 102 14.96 7.78 -36.43
C ASN B 102 14.78 7.41 -34.95
N VAL B 103 14.98 6.14 -34.60
CA VAL B 103 14.83 5.59 -33.21
C VAL B 103 15.97 6.13 -32.32
N THR B 104 16.57 7.25 -32.73
CA THR B 104 17.76 7.90 -32.12
C THR B 104 17.49 8.38 -30.68
N ASP B 105 16.34 9.00 -30.41
CA ASP B 105 15.98 9.60 -29.09
C ASP B 105 15.68 8.47 -28.11
N PHE B 106 15.15 7.34 -28.57
CA PHE B 106 14.86 6.19 -27.70
C PHE B 106 16.17 5.62 -27.17
N ASN B 107 17.18 5.55 -28.03
CA ASN B 107 18.54 5.03 -27.74
C ASN B 107 19.19 5.95 -26.70
N ALA B 108 19.19 7.26 -26.96
CA ALA B 108 19.71 8.29 -26.01
C ALA B 108 19.09 8.05 -24.63
N ILE B 109 17.77 7.85 -24.56
CA ILE B 109 17.02 7.78 -23.27
C ILE B 109 17.43 6.49 -22.60
N ALA B 110 17.55 5.43 -23.40
CA ALA B 110 17.82 4.05 -22.96
C ALA B 110 19.21 3.95 -22.38
N THR B 111 20.13 4.81 -22.81
CA THR B 111 21.60 4.66 -22.60
C THR B 111 22.19 5.80 -21.77
N CYS B 112 21.52 6.95 -21.63
CA CYS B 112 22.07 8.11 -20.87
C CYS B 112 22.09 7.76 -19.38
N ASP B 113 22.95 8.41 -18.61
CA ASP B 113 23.11 8.20 -17.14
C ASP B 113 22.40 9.31 -16.34
N TRP B 114 21.69 10.22 -17.00
CA TRP B 114 20.80 11.23 -16.35
C TRP B 114 21.61 12.22 -15.47
N THR B 115 22.90 12.46 -15.77
CA THR B 115 23.80 13.36 -15.00
C THR B 115 23.95 14.69 -15.75
N ASN B 116 23.56 14.73 -17.02
CA ASN B 116 23.53 15.95 -17.86
C ASN B 116 22.08 16.43 -17.99
N ALA B 117 21.89 17.75 -17.96
CA ALA B 117 20.58 18.41 -18.12
C ALA B 117 20.03 18.06 -19.51
N GLY B 118 20.90 17.86 -20.50
CA GLY B 118 20.53 17.53 -21.89
C GLY B 118 19.68 16.28 -21.96
N ASP B 119 19.78 15.43 -20.93
CA ASP B 119 19.04 14.15 -20.83
C ASP B 119 17.58 14.46 -20.49
N TYR B 120 17.39 15.39 -19.55
CA TYR B 120 16.09 15.88 -19.02
C TYR B 120 15.43 16.75 -20.08
N ILE B 121 16.22 17.41 -20.93
CA ILE B 121 15.72 18.27 -22.02
C ILE B 121 15.10 17.33 -23.05
N LEU B 122 15.82 16.30 -23.44
CA LEU B 122 15.32 15.27 -24.38
C LEU B 122 14.07 14.58 -23.80
N ALA B 123 14.11 14.26 -22.49
CA ALA B 123 13.00 13.57 -21.78
C ALA B 123 11.73 14.41 -21.85
N ASN B 124 11.88 15.70 -22.16
CA ASN B 124 10.74 16.66 -22.12
C ASN B 124 10.42 17.18 -23.53
N THR B 125 11.21 16.86 -24.56
CA THR B 125 10.95 17.33 -25.95
C THR B 125 10.56 16.15 -26.86
N CYS B 126 10.92 14.93 -26.51
CA CYS B 126 10.67 13.71 -27.31
C CYS B 126 9.17 13.46 -27.39
N THR B 127 8.70 12.43 -28.09
CA THR B 127 7.26 12.14 -28.19
C THR B 127 6.79 11.66 -26.81
N GLU B 128 5.47 11.62 -26.61
CA GLU B 128 4.80 11.35 -25.33
C GLU B 128 5.16 9.93 -24.87
N ARG B 129 5.04 8.92 -25.74
CA ARG B 129 5.48 7.52 -25.45
C ARG B 129 6.88 7.56 -24.82
N LEU B 130 7.77 8.36 -25.39
CA LEU B 130 9.17 8.49 -24.95
C LEU B 130 9.30 9.35 -23.69
N LYS B 131 8.43 10.34 -23.47
CA LYS B 131 8.38 11.06 -22.16
C LYS B 131 8.13 10.04 -21.05
N LEU B 132 7.24 9.07 -21.27
CA LEU B 132 6.87 8.08 -20.23
C LEU B 132 8.05 7.11 -20.04
N PHE B 133 8.51 6.49 -21.11
CA PHE B 133 9.72 5.62 -21.10
C PHE B 133 10.84 6.34 -20.34
N ALA B 134 11.15 7.61 -20.68
CA ALA B 134 12.21 8.41 -20.03
C ALA B 134 11.90 8.56 -18.53
N ALA B 135 10.63 8.87 -18.22
CA ALA B 135 10.13 9.13 -16.86
C ALA B 135 10.34 7.90 -15.98
N GLU B 136 9.99 6.69 -16.45
CA GLU B 136 10.17 5.50 -15.59
C GLU B 136 11.63 5.04 -15.63
N THR B 137 12.35 5.34 -16.70
CA THR B 137 13.75 4.89 -16.85
C THR B 137 14.61 5.71 -15.90
N LEU B 138 14.30 7.01 -15.80
CA LEU B 138 14.97 7.99 -14.89
C LEU B 138 14.62 7.62 -13.45
N LYS B 139 13.36 7.34 -13.16
CA LYS B 139 12.95 7.09 -11.76
C LYS B 139 13.60 5.78 -11.30
N ALA B 140 13.74 4.80 -12.21
CA ALA B 140 14.33 3.49 -11.86
C ALA B 140 15.83 3.70 -11.64
N THR B 141 16.48 4.51 -12.47
CA THR B 141 17.93 4.82 -12.32
C THR B 141 18.14 5.52 -10.97
N GLU B 142 17.26 6.45 -10.60
CA GLU B 142 17.31 7.20 -9.32
C GLU B 142 17.21 6.24 -8.12
N GLU B 143 16.26 5.29 -8.13
CA GLU B 143 15.98 4.36 -7.00
C GLU B 143 17.12 3.34 -6.88
N THR B 144 17.66 2.88 -7.99
CA THR B 144 18.76 1.87 -8.04
C THR B 144 20.06 2.52 -7.57
N PHE B 145 20.31 3.76 -8.01
CA PHE B 145 21.45 4.59 -7.58
C PHE B 145 21.48 4.81 -6.05
N LYS B 146 20.35 4.70 -5.35
CA LYS B 146 20.32 4.83 -3.87
C LYS B 146 21.00 3.62 -3.19
N LEU B 147 21.00 2.45 -3.84
CA LEU B 147 21.69 1.20 -3.40
C LEU B 147 23.20 1.38 -3.52
N SER B 148 23.70 2.22 -4.42
CA SER B 148 25.16 2.43 -4.61
C SER B 148 25.74 3.06 -3.34
N TYR B 149 24.90 3.66 -2.48
CA TYR B 149 25.33 4.27 -1.19
C TYR B 149 25.55 3.19 -0.13
N GLY B 150 26.60 3.40 0.66
CA GLY B 150 26.94 2.53 1.79
C GLY B 150 25.92 2.70 2.90
N ILE B 151 25.73 1.65 3.69
CA ILE B 151 24.90 1.57 4.91
C ILE B 151 25.59 2.34 6.04
N ALA B 152 24.84 3.16 6.79
CA ALA B 152 25.27 3.80 8.06
C ALA B 152 24.81 2.94 9.24
N THR B 153 25.65 2.80 10.25
CA THR B 153 25.37 2.01 11.47
C THR B 153 25.76 2.84 12.70
N VAL B 154 24.88 2.89 13.68
CA VAL B 154 25.13 3.53 15.01
C VAL B 154 26.29 2.76 15.66
N ARG B 155 27.40 3.46 15.88
CA ARG B 155 28.58 2.95 16.61
C ARG B 155 28.42 3.26 18.10
N GLU B 156 27.98 4.48 18.41
CA GLU B 156 27.79 5.02 19.78
C GLU B 156 26.60 5.96 19.76
N VAL B 157 25.72 5.90 20.76
CA VAL B 157 24.57 6.86 20.90
C VAL B 157 25.07 8.05 21.72
N LEU B 158 26.02 8.80 21.17
CA LEU B 158 26.80 9.86 21.87
C LEU B 158 25.97 10.52 22.98
N SER B 159 24.96 11.29 22.58
CA SER B 159 23.91 11.86 23.46
C SER B 159 22.56 11.47 22.85
N ASP B 160 21.48 12.15 23.25
CA ASP B 160 20.20 12.15 22.50
C ASP B 160 20.38 13.10 21.32
N ARG B 161 19.64 12.87 20.22
CA ARG B 161 19.57 13.75 19.01
C ARG B 161 20.92 13.83 18.28
N GLU B 162 21.98 13.13 18.74
CA GLU B 162 23.33 13.14 18.11
C GLU B 162 23.95 11.73 18.14
N LEU B 163 24.36 11.22 16.97
CA LEU B 163 24.91 9.85 16.76
C LEU B 163 26.38 9.87 16.33
N HIS B 164 27.09 8.76 16.58
CA HIS B 164 28.38 8.37 15.96
C HIS B 164 28.12 7.24 14.96
N LEU B 165 28.16 7.55 13.66
CA LEU B 165 27.84 6.58 12.57
C LEU B 165 29.11 5.94 12.02
N SER B 166 29.04 4.64 11.77
CA SER B 166 30.07 3.85 11.06
C SER B 166 29.53 3.53 9.64
N TRP B 167 30.38 3.61 8.62
CA TRP B 167 29.96 3.60 7.20
C TRP B 167 30.50 2.37 6.50
N GLU B 168 29.67 1.70 5.70
CA GLU B 168 30.07 0.54 4.86
C GLU B 168 31.31 0.94 4.03
N VAL B 169 32.26 0.04 3.90
CA VAL B 169 33.54 0.24 3.14
C VAL B 169 33.29 -0.21 1.69
N GLY B 170 33.88 0.48 0.71
CA GLY B 170 33.83 0.10 -0.71
C GLY B 170 32.61 0.67 -1.39
N LYS B 171 31.85 1.54 -0.69
CA LYS B 171 30.62 2.19 -1.22
C LYS B 171 30.61 3.64 -0.77
N PRO B 172 30.31 4.62 -1.66
CA PRO B 172 30.26 6.02 -1.26
C PRO B 172 29.16 6.27 -0.23
N ARG B 173 29.29 7.35 0.54
CA ARG B 173 28.30 7.84 1.52
C ARG B 173 27.44 8.91 0.85
N PRO B 174 26.10 8.91 1.05
CA PRO B 174 25.24 9.95 0.50
C PRO B 174 25.45 11.31 1.17
N PRO B 175 25.03 12.42 0.52
CA PRO B 175 24.94 13.72 1.17
C PRO B 175 24.00 13.66 2.38
N LEU B 176 24.29 14.46 3.41
CA LEU B 176 23.56 14.48 4.70
C LEU B 176 22.76 15.79 4.79
N ASN B 177 21.69 15.90 3.99
CA ASN B 177 20.73 17.05 3.95
C ASN B 177 19.29 16.55 3.78
N ARG B 178 18.33 17.44 4.11
CA ARG B 178 16.87 17.16 4.26
C ARG B 178 16.31 16.43 3.04
N ASN B 179 17.03 16.48 1.90
CA ASN B 179 16.67 15.78 0.64
C ASN B 179 16.85 14.27 0.80
N TYR B 180 17.91 13.84 1.51
CA TYR B 180 18.24 12.39 1.68
C TYR B 180 17.58 11.89 2.97
N VAL B 181 16.37 11.34 2.86
CA VAL B 181 15.60 10.75 4.00
C VAL B 181 15.98 9.27 4.13
N PHE B 182 16.58 8.91 5.27
CA PHE B 182 17.06 7.55 5.63
C PHE B 182 15.95 6.78 6.31
N THR B 183 16.09 5.46 6.32
CA THR B 183 15.22 4.52 7.06
C THR B 183 16.07 3.73 8.04
N GLY B 184 15.72 3.80 9.32
CA GLY B 184 16.35 3.01 10.40
C GLY B 184 15.87 1.58 10.35
N TYR B 185 16.59 0.69 11.03
CA TYR B 185 16.30 -0.76 11.16
C TYR B 185 16.98 -1.28 12.43
N ARG B 186 16.32 -2.17 13.18
CA ARG B 186 16.88 -2.87 14.38
C ARG B 186 17.15 -4.34 13.99
N VAL B 187 18.29 -4.88 14.42
CA VAL B 187 18.80 -6.22 14.01
C VAL B 187 18.00 -7.28 14.80
N THR B 188 16.99 -7.91 14.18
CA THR B 188 16.10 -8.92 14.83
C THR B 188 16.80 -10.28 14.83
N LYS B 189 16.36 -11.19 15.70
CA LYS B 189 16.90 -12.57 15.84
C LYS B 189 17.47 -13.05 14.50
N ASN B 190 16.66 -13.02 13.43
CA ASN B 190 16.97 -13.68 12.12
C ASN B 190 16.64 -12.78 10.90
N SER B 191 16.30 -11.49 11.11
CA SER B 191 16.09 -10.49 10.03
C SER B 191 16.17 -9.06 10.60
N LYS B 192 15.52 -8.09 9.95
CA LYS B 192 15.55 -6.63 10.30
C LYS B 192 14.12 -6.09 10.40
N VAL B 193 13.90 -5.13 11.29
CA VAL B 193 12.57 -4.49 11.51
C VAL B 193 12.69 -2.98 11.29
N GLN B 194 11.83 -2.40 10.44
CA GLN B 194 11.74 -0.94 10.20
C GLN B 194 11.57 -0.23 11.55
N ILE B 195 12.29 0.87 11.77
CA ILE B 195 12.22 1.68 13.03
C ILE B 195 12.02 3.15 12.63
N GLY B 196 11.25 3.38 11.56
CA GLY B 196 10.86 4.70 11.05
C GLY B 196 11.88 5.30 10.09
N GLU B 197 11.60 6.50 9.58
CA GLU B 197 12.47 7.26 8.65
C GLU B 197 13.23 8.34 9.43
N TYR B 198 14.42 8.72 8.95
CA TYR B 198 15.38 9.63 9.61
C TYR B 198 16.02 10.54 8.56
N THR B 199 16.62 11.65 9.01
CA THR B 199 17.51 12.53 8.21
C THR B 199 18.68 12.94 9.10
N PHE B 200 19.78 13.35 8.50
CA PHE B 200 21.06 13.60 9.20
C PHE B 200 21.67 14.93 8.74
N GLU B 201 22.46 15.51 9.63
CA GLU B 201 23.31 16.72 9.43
C GLU B 201 24.58 16.52 10.28
N LYS B 202 25.74 17.04 9.83
CA LYS B 202 27.07 16.89 10.50
C LYS B 202 26.97 17.42 11.94
N GLY B 203 27.91 17.02 12.82
CA GLY B 203 28.05 17.52 14.20
C GLY B 203 29.25 18.44 14.37
N ALA B 208 29.75 11.19 13.75
CA ALA B 208 29.52 12.44 14.54
C ALA B 208 28.44 13.29 13.86
N VAL B 209 27.17 12.87 13.95
CA VAL B 209 26.02 13.41 13.16
C VAL B 209 24.83 13.70 14.06
N VAL B 210 23.90 14.53 13.56
CA VAL B 210 22.64 15.00 14.22
C VAL B 210 21.45 14.40 13.47
N TYR B 211 20.53 13.71 14.15
CA TYR B 211 19.37 13.03 13.52
C TYR B 211 18.05 13.77 13.84
N ARG B 212 17.24 14.07 12.82
CA ARG B 212 15.87 14.63 12.93
C ARG B 212 14.86 13.55 12.50
N GLY B 213 14.51 12.63 13.41
CA GLY B 213 13.80 11.38 13.09
C GLY B 213 12.32 11.57 12.84
N THR B 214 11.80 11.02 11.73
CA THR B 214 10.35 10.94 11.36
C THR B 214 9.67 9.85 12.21
N THR B 215 9.75 9.99 13.53
CA THR B 215 9.44 9.01 14.60
C THR B 215 10.41 9.26 15.74
N THR B 216 9.95 9.22 16.99
CA THR B 216 10.83 9.30 18.20
C THR B 216 11.07 7.86 18.68
N TYR B 217 12.31 7.55 19.08
CA TYR B 217 12.77 6.22 19.53
C TYR B 217 13.92 6.37 20.52
N LYS B 218 14.29 5.27 21.18
CA LYS B 218 15.53 5.14 21.98
C LYS B 218 16.52 4.31 21.15
N LEU B 219 16.82 4.75 19.92
CA LEU B 219 17.64 3.97 18.96
C LEU B 219 19.02 3.72 19.57
N ASN B 220 19.38 2.43 19.60
CA ASN B 220 20.52 1.85 20.34
C ASN B 220 21.60 1.48 19.31
N VAL B 221 22.84 1.30 19.76
CA VAL B 221 24.02 0.91 18.92
C VAL B 221 23.65 -0.28 18.05
N GLY B 222 24.18 -0.34 16.83
CA GLY B 222 23.99 -1.47 15.91
C GLY B 222 22.82 -1.25 14.98
N ASP B 223 21.93 -0.29 15.30
CA ASP B 223 20.84 0.15 14.37
C ASP B 223 21.49 0.75 13.13
N TYR B 224 20.95 0.46 11.96
CA TYR B 224 21.54 0.88 10.67
C TYR B 224 20.49 1.67 9.88
N PHE B 225 20.98 2.51 8.96
CA PHE B 225 20.18 3.47 8.18
C PHE B 225 20.46 3.30 6.69
N VAL B 226 19.42 3.19 5.90
CA VAL B 226 19.50 3.09 4.42
C VAL B 226 18.42 3.98 3.82
N LEU B 227 18.72 4.60 2.68
CA LEU B 227 17.75 5.36 1.87
C LEU B 227 16.73 4.37 1.31
N THR B 228 15.49 4.41 1.78
CA THR B 228 14.42 3.51 1.26
C THR B 228 14.30 3.83 -0.24
N SER B 229 14.53 2.84 -1.10
CA SER B 229 14.27 2.89 -2.55
C SER B 229 13.09 1.96 -2.88
N HIS B 230 11.97 2.55 -3.33
CA HIS B 230 10.74 1.79 -3.65
C HIS B 230 10.76 1.30 -5.10
N THR B 231 9.95 0.28 -5.37
CA THR B 231 9.65 -0.25 -6.72
C THR B 231 9.04 0.85 -7.59
N VAL B 232 9.55 1.04 -8.80
CA VAL B 232 9.02 2.00 -9.79
C VAL B 232 8.00 1.24 -10.64
N MET B 233 6.73 1.62 -10.54
CA MET B 233 5.64 0.99 -11.33
C MET B 233 5.66 1.52 -12.76
N PRO B 234 5.15 0.74 -13.73
CA PRO B 234 5.19 1.14 -15.14
C PRO B 234 4.09 2.17 -15.40
N LEU B 235 4.30 3.05 -16.38
CA LEU B 235 3.35 4.14 -16.72
C LEU B 235 2.51 3.68 -17.90
N SER B 236 1.35 4.31 -18.09
CA SER B 236 0.38 3.97 -19.16
C SER B 236 -0.23 5.26 -19.71
N ALA B 237 -0.72 6.14 -18.83
CA ALA B 237 -1.32 7.45 -19.18
C ALA B 237 -0.26 8.44 -19.68
N PRO B 238 -0.62 9.36 -20.60
CA PRO B 238 0.26 10.47 -20.97
C PRO B 238 0.44 11.48 -19.83
N THR B 239 1.39 12.40 -19.96
CA THR B 239 1.74 13.40 -18.92
C THR B 239 0.70 14.53 -18.90
N LEU B 240 0.14 14.84 -20.08
CA LEU B 240 -1.07 15.69 -20.29
C LEU B 240 -2.09 14.94 -21.13
N VAL B 241 -3.38 15.02 -20.78
CA VAL B 241 -4.49 14.50 -21.64
C VAL B 241 -4.53 15.40 -22.86
N PRO B 242 -5.24 15.02 -23.93
CA PRO B 242 -5.38 15.93 -25.07
C PRO B 242 -6.21 17.16 -24.69
N GLN B 243 -5.70 18.35 -25.01
CA GLN B 243 -6.41 19.61 -24.68
C GLN B 243 -7.72 19.65 -25.47
N GLU B 244 -8.74 20.20 -24.81
CA GLU B 244 -10.05 20.57 -25.41
C GLU B 244 -10.46 21.94 -24.87
N HIS B 245 -10.87 22.86 -25.76
CA HIS B 245 -11.48 24.18 -25.44
C HIS B 245 -12.97 24.13 -25.75
N TYR B 246 -13.78 24.69 -24.87
CA TYR B 246 -15.26 24.63 -24.92
C TYR B 246 -15.75 26.06 -25.12
N VAL B 247 -16.97 26.19 -25.62
CA VAL B 247 -17.65 27.50 -25.88
C VAL B 247 -18.44 27.85 -24.62
N ARG B 248 -18.65 26.86 -23.73
CA ARG B 248 -19.42 26.97 -22.47
C ARG B 248 -18.71 26.21 -21.37
N ILE B 249 -18.95 26.61 -20.11
CA ILE B 249 -18.61 25.80 -18.92
C ILE B 249 -19.28 24.44 -19.10
N THR B 250 -18.51 23.36 -19.02
CA THR B 250 -18.91 21.98 -19.34
C THR B 250 -18.95 21.16 -18.05
N GLY B 251 -20.11 20.63 -17.71
CA GLY B 251 -20.26 19.58 -16.66
C GLY B 251 -20.04 20.12 -15.25
N LEU B 252 -20.06 21.45 -15.11
CA LEU B 252 -19.94 22.13 -13.80
C LEU B 252 -21.08 23.15 -13.73
N TYR B 253 -21.63 23.36 -12.51
CA TYR B 253 -22.81 24.23 -12.26
C TYR B 253 -22.38 25.35 -11.30
N PRO B 254 -22.01 26.54 -11.86
CA PRO B 254 -21.45 27.62 -11.08
C PRO B 254 -22.48 28.19 -10.11
N THR B 255 -22.02 28.70 -8.97
CA THR B 255 -22.88 29.22 -7.89
C THR B 255 -23.55 30.52 -8.33
N LEU B 256 -24.70 30.85 -7.76
CA LEU B 256 -25.36 32.17 -8.01
C LEU B 256 -24.73 33.25 -7.11
N ASN B 257 -24.50 32.91 -5.83
CA ASN B 257 -23.94 33.78 -4.77
C ASN B 257 -22.53 33.27 -4.44
N ILE B 258 -21.53 34.14 -4.55
CA ILE B 258 -20.12 33.85 -4.12
C ILE B 258 -19.70 34.88 -3.08
N SER B 259 -18.73 34.56 -2.23
CA SER B 259 -18.09 35.49 -1.28
C SER B 259 -17.14 36.45 -2.04
N ASP B 260 -17.06 37.71 -1.62
CA ASP B 260 -16.15 38.75 -2.19
C ASP B 260 -14.70 38.37 -1.87
N GLU B 261 -14.51 37.35 -1.05
CA GLU B 261 -13.21 36.68 -0.81
C GLU B 261 -12.67 36.00 -2.09
N PHE B 262 -13.55 35.50 -2.96
CA PHE B 262 -13.24 34.67 -4.16
C PHE B 262 -13.66 35.34 -5.48
N SER B 263 -14.24 36.55 -5.43
CA SER B 263 -14.81 37.24 -6.62
C SER B 263 -13.70 37.50 -7.65
N SER B 264 -12.49 37.80 -7.22
CA SER B 264 -11.34 38.10 -8.10
C SER B 264 -10.97 36.87 -8.92
N ASN B 265 -11.36 35.67 -8.50
CA ASN B 265 -11.00 34.44 -9.26
C ASN B 265 -12.15 33.96 -10.15
N VAL B 266 -13.31 34.64 -10.15
CA VAL B 266 -14.56 34.13 -10.81
C VAL B 266 -14.34 33.96 -12.33
N ALA B 267 -13.75 34.95 -13.02
CA ALA B 267 -13.42 34.83 -14.46
C ALA B 267 -12.48 33.64 -14.65
N ASN B 268 -11.49 33.44 -13.77
CA ASN B 268 -10.51 32.31 -13.93
C ASN B 268 -11.20 30.97 -13.66
N TYR B 269 -12.15 30.91 -12.73
CA TYR B 269 -12.92 29.69 -12.40
C TYR B 269 -13.78 29.29 -13.59
N GLN B 270 -14.18 30.28 -14.39
CA GLN B 270 -15.03 30.04 -15.58
C GLN B 270 -14.13 29.45 -16.66
N LYS B 271 -12.93 30.01 -16.81
CA LYS B 271 -11.90 29.50 -17.76
C LYS B 271 -11.66 28.02 -17.47
N VAL B 272 -11.59 27.68 -16.18
CA VAL B 272 -11.31 26.29 -15.73
C VAL B 272 -12.38 25.37 -16.33
N GLY B 273 -13.62 25.85 -16.45
CA GLY B 273 -14.78 25.03 -16.85
C GLY B 273 -14.94 25.01 -18.37
N MET B 274 -14.18 25.85 -19.06
CA MET B 274 -14.22 25.98 -20.54
C MET B 274 -12.96 25.39 -21.20
N GLN B 275 -12.13 24.63 -20.51
CA GLN B 275 -11.08 23.80 -21.17
C GLN B 275 -10.85 22.55 -20.34
N LYS B 276 -10.31 21.52 -20.98
CA LYS B 276 -10.15 20.19 -20.36
C LYS B 276 -9.14 20.31 -19.22
N TYR B 277 -8.08 21.07 -19.45
CA TYR B 277 -7.05 21.33 -18.43
C TYR B 277 -6.56 22.76 -18.61
N SER B 278 -6.22 23.37 -17.48
CA SER B 278 -5.79 24.77 -17.40
C SER B 278 -4.60 24.86 -16.44
N THR B 279 -3.68 25.76 -16.74
CA THR B 279 -2.48 26.01 -15.95
C THR B 279 -2.70 27.34 -15.23
N LEU B 280 -2.45 27.37 -13.92
CA LEU B 280 -2.49 28.62 -13.12
C LEU B 280 -1.09 28.90 -12.58
N GLN B 281 -0.47 29.99 -13.03
CA GLN B 281 0.85 30.41 -12.49
C GLN B 281 0.58 31.31 -11.29
N GLY B 282 1.01 30.86 -10.12
CA GLY B 282 0.79 31.61 -8.88
C GLY B 282 2.12 31.96 -8.22
N PRO B 283 2.64 33.17 -8.47
CA PRO B 283 3.82 33.66 -7.78
C PRO B 283 3.68 33.56 -6.27
N PRO B 284 4.78 33.79 -5.51
CA PRO B 284 4.74 33.78 -4.06
C PRO B 284 3.64 34.74 -3.61
N GLY B 285 2.74 34.27 -2.73
CA GLY B 285 1.87 35.15 -1.93
C GLY B 285 0.70 35.69 -2.74
N THR B 286 0.38 35.05 -3.86
CA THR B 286 -0.71 35.48 -4.75
C THR B 286 -1.99 34.67 -4.51
N GLY B 287 -1.99 33.59 -3.76
CA GLY B 287 -3.25 32.94 -3.33
C GLY B 287 -3.57 31.65 -4.06
N LYS B 288 -2.60 30.77 -4.22
CA LYS B 288 -2.79 29.50 -4.93
C LYS B 288 -3.84 28.63 -4.23
N SER B 289 -3.72 28.36 -2.94
CA SER B 289 -4.63 27.45 -2.21
C SER B 289 -6.00 28.13 -2.06
N HIS B 290 -6.00 29.45 -1.88
CA HIS B 290 -7.24 30.26 -1.84
C HIS B 290 -8.01 30.01 -3.14
N PHE B 291 -7.33 30.19 -4.27
CA PHE B 291 -7.87 29.90 -5.62
C PHE B 291 -8.45 28.50 -5.66
N ALA B 292 -7.67 27.50 -5.23
CA ALA B 292 -7.97 26.06 -5.32
C ALA B 292 -9.21 25.72 -4.52
N ILE B 293 -9.35 26.24 -3.29
CA ILE B 293 -10.51 25.95 -2.40
C ILE B 293 -11.72 26.74 -2.93
N GLY B 294 -11.48 27.96 -3.39
CA GLY B 294 -12.55 28.85 -3.89
C GLY B 294 -13.25 28.28 -5.13
N LEU B 295 -12.57 27.44 -5.88
CA LEU B 295 -13.10 26.73 -7.06
C LEU B 295 -14.23 25.80 -6.62
N ALA B 296 -14.11 25.21 -5.42
CA ALA B 296 -15.14 24.32 -4.82
C ALA B 296 -16.39 25.12 -4.50
N LEU B 297 -16.20 26.32 -3.96
CA LEU B 297 -17.29 27.24 -3.59
C LEU B 297 -17.99 27.74 -4.86
N TYR B 298 -17.21 27.92 -5.93
CA TYR B 298 -17.75 28.39 -7.21
C TYR B 298 -18.54 27.27 -7.88
N TYR B 299 -18.05 26.03 -7.85
CA TYR B 299 -18.74 24.84 -8.43
C TYR B 299 -19.20 23.93 -7.28
N PRO B 300 -20.23 24.36 -6.51
CA PRO B 300 -20.54 23.73 -5.22
C PRO B 300 -20.92 22.24 -5.25
N SER B 301 -21.40 21.72 -6.36
CA SER B 301 -21.83 20.30 -6.45
C SER B 301 -20.69 19.45 -7.02
N ALA B 302 -19.61 20.09 -7.50
CA ALA B 302 -18.47 19.42 -8.17
C ALA B 302 -17.71 18.55 -7.17
N ARG B 303 -17.36 17.33 -7.56
CA ARG B 303 -16.43 16.44 -6.83
C ARG B 303 -15.02 16.84 -7.24
N ILE B 304 -14.22 17.30 -6.29
CA ILE B 304 -12.84 17.77 -6.56
C ILE B 304 -11.89 16.92 -5.76
N VAL B 305 -10.93 16.32 -6.46
CA VAL B 305 -9.73 15.66 -5.89
C VAL B 305 -8.58 16.66 -5.94
N TYR B 306 -8.10 17.05 -4.77
CA TYR B 306 -6.92 17.92 -4.55
C TYR B 306 -5.69 17.02 -4.36
N THR B 307 -4.72 17.14 -5.25
CA THR B 307 -3.52 16.30 -5.21
C THR B 307 -2.31 17.21 -5.29
N ALA B 308 -1.18 16.71 -4.81
CA ALA B 308 0.17 17.29 -4.94
C ALA B 308 1.19 16.17 -4.67
N CYS B 309 2.46 16.45 -4.89
CA CYS B 309 3.52 15.43 -4.69
C CYS B 309 3.72 15.24 -3.19
N SER B 310 3.77 16.32 -2.42
CA SER B 310 4.22 16.25 -1.00
C SER B 310 3.03 16.21 -0.07
N HIS B 311 3.15 15.48 1.03
CA HIS B 311 2.20 15.50 2.17
C HIS B 311 1.98 16.94 2.63
N ALA B 312 3.04 17.77 2.72
CA ALA B 312 2.98 19.18 3.17
C ALA B 312 2.09 19.97 2.20
N ALA B 313 2.30 19.81 0.90
CA ALA B 313 1.51 20.54 -0.11
C ALA B 313 0.04 20.18 0.04
N VAL B 314 -0.24 18.88 0.20
CA VAL B 314 -1.64 18.39 0.31
C VAL B 314 -2.24 18.94 1.60
N ASP B 315 -1.48 18.85 2.70
CA ASP B 315 -1.96 19.25 4.06
C ASP B 315 -2.31 20.75 4.02
N ALA B 316 -1.53 21.54 3.30
CA ALA B 316 -1.78 22.98 3.16
C ALA B 316 -3.13 23.19 2.44
N LEU B 317 -3.44 22.39 1.42
CA LEU B 317 -4.79 22.43 0.78
C LEU B 317 -5.86 22.01 1.81
N CYS B 318 -5.62 20.98 2.62
CA CYS B 318 -6.55 20.58 3.72
C CYS B 318 -6.74 21.74 4.71
N GLU B 319 -5.67 22.46 5.05
CA GLU B 319 -5.76 23.55 6.05
C GLU B 319 -6.67 24.64 5.48
N LYS B 320 -6.46 25.02 4.22
CA LYS B 320 -7.32 26.05 3.60
C LYS B 320 -8.75 25.51 3.54
N ALA B 321 -8.94 24.24 3.20
CA ALA B 321 -10.29 23.62 3.02
C ALA B 321 -11.06 23.67 4.33
N LEU B 322 -10.37 23.38 5.42
CA LEU B 322 -10.88 23.36 6.81
C LEU B 322 -11.57 24.68 7.14
N LYS B 323 -11.10 25.79 6.55
CA LYS B 323 -11.58 27.16 6.82
C LYS B 323 -12.79 27.57 5.96
N TYR B 324 -13.08 26.88 4.85
CA TYR B 324 -14.13 27.30 3.87
C TYR B 324 -15.12 26.18 3.52
N LEU B 325 -14.71 24.90 3.55
CA LEU B 325 -15.52 23.78 2.99
C LEU B 325 -16.09 22.98 4.15
N PRO B 326 -17.30 22.40 4.03
CA PRO B 326 -17.85 21.57 5.09
C PRO B 326 -16.95 20.36 5.34
N ILE B 327 -16.53 20.14 6.59
CA ILE B 327 -15.52 19.12 7.02
C ILE B 327 -16.00 17.70 6.67
N ASP B 328 -17.30 17.44 6.80
CA ASP B 328 -17.94 16.11 6.59
C ASP B 328 -17.94 15.78 5.09
N LYS B 329 -17.58 16.73 4.21
CA LYS B 329 -17.53 16.55 2.74
C LYS B 329 -16.09 16.28 2.30
N CYS B 330 -15.14 16.29 3.23
CA CYS B 330 -13.68 16.18 2.94
C CYS B 330 -13.16 14.82 3.42
N SER B 331 -12.22 14.23 2.67
CA SER B 331 -11.39 13.08 3.10
C SER B 331 -9.91 13.31 2.78
N ARG B 332 -9.03 13.04 3.75
CA ARG B 332 -7.58 12.87 3.56
C ARG B 332 -7.29 11.39 3.27
N ILE B 333 -6.78 11.08 2.07
CA ILE B 333 -6.27 9.72 1.70
C ILE B 333 -4.82 9.58 2.21
N ILE B 334 -4.62 8.59 3.06
CA ILE B 334 -3.34 8.27 3.74
C ILE B 334 -3.04 6.81 3.40
N PRO B 335 -1.89 6.52 2.76
CA PRO B 335 -1.50 5.15 2.44
C PRO B 335 -1.08 4.47 3.75
N ALA B 336 -1.34 3.18 3.92
CA ALA B 336 -0.96 2.40 5.12
C ALA B 336 0.53 2.06 5.04
N VAL B 340 5.14 8.71 8.29
CA VAL B 340 5.03 10.19 8.13
C VAL B 340 3.62 10.64 8.57
N GLU B 341 3.55 11.69 9.39
CA GLU B 341 2.30 12.18 10.02
C GLU B 341 1.81 13.43 9.28
N CYS B 342 0.57 13.37 8.80
CA CYS B 342 -0.06 14.42 7.98
C CYS B 342 -1.41 14.83 8.59
N PHE B 343 -2.12 15.72 7.91
CA PHE B 343 -3.42 16.30 8.33
C PHE B 343 -4.38 15.20 8.82
N ASP B 344 -4.90 15.32 10.06
CA ASP B 344 -5.75 14.28 10.71
C ASP B 344 -7.07 14.88 11.21
N LYS B 345 -7.63 15.89 10.52
CA LYS B 345 -8.93 16.49 10.89
C LYS B 345 -10.08 16.01 9.98
N PHE B 346 -9.80 15.33 8.86
CA PHE B 346 -10.81 14.83 7.88
C PHE B 346 -10.98 13.33 8.09
N LYS B 347 -12.19 12.78 7.84
CA LYS B 347 -12.30 11.30 7.82
C LYS B 347 -11.22 10.79 6.88
N VAL B 348 -10.55 9.68 7.27
CA VAL B 348 -9.33 9.16 6.59
C VAL B 348 -9.75 8.09 5.57
N ASN B 349 -9.20 8.15 4.35
CA ASN B 349 -9.31 7.10 3.29
C ASN B 349 -10.77 6.83 2.96
N SER B 350 -11.54 7.90 2.73
CA SER B 350 -12.93 7.87 2.23
C SER B 350 -12.91 8.46 0.82
N THR B 351 -12.64 7.59 -0.14
CA THR B 351 -12.46 7.85 -1.58
C THR B 351 -13.70 8.55 -2.17
N LEU B 352 -14.90 8.37 -1.62
CA LEU B 352 -16.14 8.88 -2.27
C LEU B 352 -16.66 10.15 -1.59
N GLU B 353 -15.90 10.74 -0.66
CA GLU B 353 -16.19 12.11 -0.16
C GLU B 353 -16.08 13.06 -1.35
N GLN B 354 -16.88 14.15 -1.37
CA GLN B 354 -16.94 15.13 -2.48
C GLN B 354 -15.56 15.77 -2.68
N TYR B 355 -14.79 15.95 -1.60
CA TYR B 355 -13.48 16.63 -1.59
C TYR B 355 -12.41 15.66 -1.06
N VAL B 356 -11.50 15.24 -1.93
CA VAL B 356 -10.49 14.20 -1.65
C VAL B 356 -9.10 14.82 -1.78
N PHE B 357 -8.36 14.79 -0.68
CA PHE B 357 -7.02 15.41 -0.51
C PHE B 357 -6.03 14.25 -0.36
N CYS B 358 -5.03 14.17 -1.22
CA CYS B 358 -4.30 12.91 -1.44
C CYS B 358 -3.02 13.21 -2.21
N THR B 359 -1.87 12.69 -1.77
CA THR B 359 -0.60 12.77 -2.52
C THR B 359 -0.74 11.89 -3.77
N VAL B 360 -0.02 12.24 -4.83
CA VAL B 360 -0.01 11.52 -6.13
C VAL B 360 0.27 10.02 -5.93
N ASN B 361 1.28 9.68 -5.13
CA ASN B 361 1.81 8.30 -5.00
C ASN B 361 0.74 7.44 -4.33
N ALA B 362 -0.20 8.03 -3.56
CA ALA B 362 -1.31 7.36 -2.82
C ALA B 362 -2.68 7.45 -3.54
N LEU B 363 -2.77 7.98 -4.76
CA LEU B 363 -4.10 8.25 -5.36
C LEU B 363 -4.84 6.93 -5.57
N PRO B 364 -6.15 6.87 -5.26
CA PRO B 364 -6.98 5.75 -5.70
C PRO B 364 -7.41 5.88 -7.17
N GLU B 365 -7.84 4.78 -7.75
CA GLU B 365 -8.49 4.81 -9.08
C GLU B 365 -9.90 5.36 -8.84
N THR B 366 -10.20 6.51 -9.42
CA THR B 366 -11.48 7.23 -9.19
C THR B 366 -11.70 8.22 -10.32
N THR B 367 -12.86 8.85 -10.34
CA THR B 367 -13.19 9.93 -11.30
C THR B 367 -13.50 11.17 -10.44
N ALA B 368 -13.55 12.34 -11.07
CA ALA B 368 -13.84 13.62 -10.38
C ALA B 368 -14.36 14.62 -11.40
N ASP B 369 -15.15 15.59 -10.94
CA ASP B 369 -15.60 16.73 -11.77
C ASP B 369 -14.38 17.62 -12.03
N ILE B 370 -13.57 17.89 -11.01
CA ILE B 370 -12.29 18.62 -11.16
C ILE B 370 -11.15 17.89 -10.45
N VAL B 371 -9.99 17.84 -11.06
CA VAL B 371 -8.71 17.49 -10.37
C VAL B 371 -7.87 18.76 -10.26
N VAL B 372 -7.49 19.13 -9.03
CA VAL B 372 -6.56 20.24 -8.75
C VAL B 372 -5.24 19.60 -8.32
N PHE B 373 -4.21 19.77 -9.16
CA PHE B 373 -2.82 19.35 -8.92
C PHE B 373 -2.02 20.60 -8.53
N ASP B 374 -1.61 20.73 -7.27
CA ASP B 374 -0.93 21.94 -6.73
C ASP B 374 0.57 21.68 -6.68
N GLU B 375 1.31 22.79 -6.61
CA GLU B 375 2.80 22.84 -6.52
C GLU B 375 3.37 22.08 -7.73
N ILE B 376 2.97 22.48 -8.93
CA ILE B 376 3.29 21.75 -10.19
C ILE B 376 4.78 21.83 -10.53
N SER B 377 5.51 22.90 -10.18
CA SER B 377 6.99 22.99 -10.38
C SER B 377 7.71 21.78 -9.77
N MET B 378 7.20 21.23 -8.66
CA MET B 378 7.80 20.08 -7.92
C MET B 378 7.45 18.75 -8.60
N ALA B 379 6.42 18.69 -9.47
CA ALA B 379 6.01 17.45 -10.16
C ALA B 379 7.07 17.09 -11.19
N THR B 380 7.22 15.79 -11.41
CA THR B 380 7.98 15.19 -12.53
C THR B 380 6.98 14.62 -13.53
N ASN B 381 7.44 14.30 -14.72
CA ASN B 381 6.55 13.76 -15.78
C ASN B 381 6.02 12.42 -15.30
N TYR B 382 6.80 11.70 -14.46
CA TYR B 382 6.35 10.46 -13.78
C TYR B 382 5.06 10.75 -13.02
N ASP B 383 5.08 11.71 -12.10
CA ASP B 383 3.86 12.15 -11.36
C ASP B 383 2.75 12.52 -12.33
N LEU B 384 3.07 13.30 -13.36
CA LEU B 384 2.00 13.81 -14.26
C LEU B 384 1.26 12.61 -14.85
N SER B 385 1.99 11.55 -15.19
CA SER B 385 1.38 10.38 -15.86
C SER B 385 0.52 9.62 -14.85
N VAL B 386 1.01 9.48 -13.63
CA VAL B 386 0.29 8.70 -12.58
C VAL B 386 -1.09 9.31 -12.38
N VAL B 387 -1.19 10.64 -12.31
CA VAL B 387 -2.48 11.31 -12.02
C VAL B 387 -3.45 10.99 -13.16
N ASN B 388 -2.99 11.13 -14.39
CA ASN B 388 -3.83 10.85 -15.60
C ASN B 388 -4.28 9.39 -15.58
N ALA B 389 -3.46 8.46 -15.09
CA ALA B 389 -3.78 7.02 -14.99
C ALA B 389 -4.80 6.75 -13.87
N ARG B 390 -4.65 7.37 -12.70
CA ARG B 390 -5.48 7.11 -11.50
C ARG B 390 -6.81 7.88 -11.57
N LEU B 391 -6.82 9.10 -12.15
CA LEU B 391 -7.96 10.07 -12.11
C LEU B 391 -8.46 10.35 -13.52
N ARG B 392 -9.70 9.99 -13.84
CA ARG B 392 -10.38 10.45 -15.07
C ARG B 392 -11.33 11.55 -14.59
N ALA B 393 -11.13 12.77 -15.08
CA ALA B 393 -11.88 13.98 -14.68
C ALA B 393 -12.34 14.78 -15.90
N LYS B 394 -13.42 15.53 -15.75
CA LYS B 394 -13.89 16.49 -16.76
C LYS B 394 -12.83 17.59 -16.91
N HIS B 395 -12.21 18.02 -15.81
CA HIS B 395 -11.29 19.19 -15.85
C HIS B 395 -10.11 18.94 -14.94
N TYR B 396 -8.95 19.42 -15.35
CA TYR B 396 -7.68 19.30 -14.63
C TYR B 396 -7.15 20.71 -14.53
N VAL B 397 -6.84 21.14 -13.30
CA VAL B 397 -6.19 22.45 -13.02
C VAL B 397 -4.82 22.15 -12.41
N TYR B 398 -3.77 22.69 -13.01
CA TYR B 398 -2.37 22.55 -12.56
C TYR B 398 -1.95 23.91 -12.00
N ILE B 399 -1.75 23.97 -10.69
CA ILE B 399 -1.39 25.22 -9.97
C ILE B 399 0.05 25.14 -9.49
N GLY B 400 0.81 26.20 -9.71
CA GLY B 400 2.25 26.21 -9.40
C GLY B 400 2.93 27.45 -9.93
N ASP B 401 4.24 27.39 -10.03
CA ASP B 401 5.04 28.55 -10.48
C ASP B 401 6.34 28.01 -11.06
N PRO B 402 6.52 28.04 -12.40
CA PRO B 402 7.76 27.53 -13.00
C PRO B 402 8.95 28.44 -12.67
N ALA B 403 8.71 29.55 -11.99
CA ALA B 403 9.75 30.44 -11.41
C ALA B 403 10.15 29.93 -10.02
N GLN B 404 9.49 28.92 -9.49
CA GLN B 404 9.92 28.37 -8.17
C GLN B 404 10.70 27.07 -8.39
N LEU B 405 10.98 26.33 -7.32
CA LEU B 405 11.96 25.22 -7.37
C LEU B 405 11.30 23.97 -7.93
N PRO B 406 12.07 23.20 -8.71
CA PRO B 406 11.62 21.90 -9.19
C PRO B 406 11.91 20.84 -8.13
N ALA B 407 11.40 19.63 -8.31
CA ALA B 407 11.86 18.43 -7.56
C ALA B 407 13.38 18.28 -7.76
N PRO B 408 14.09 17.92 -6.69
CA PRO B 408 15.51 17.60 -6.78
C PRO B 408 15.71 16.49 -7.81
N ARG B 409 16.72 16.65 -8.67
CA ARG B 409 17.18 15.59 -9.60
C ARG B 409 18.53 15.10 -9.07
N THR B 410 18.47 14.11 -8.17
CA THR B 410 19.61 13.59 -7.36
C THR B 410 20.75 13.13 -8.27
N LEU B 411 20.47 12.73 -9.52
CA LEU B 411 21.49 12.29 -10.51
C LEU B 411 22.08 13.47 -11.27
N LEU B 412 21.38 14.59 -11.39
CA LEU B 412 21.80 15.67 -12.32
C LEU B 412 22.90 16.49 -11.64
N THR B 413 24.08 16.57 -12.26
CA THR B 413 25.30 17.18 -11.66
C THR B 413 26.00 18.10 -12.66
N LYS B 414 25.55 18.13 -13.92
CA LYS B 414 26.21 18.86 -15.05
C LYS B 414 25.14 19.54 -15.90
N GLY B 415 25.20 20.87 -15.98
CA GLY B 415 24.19 21.73 -16.64
C GLY B 415 23.17 22.18 -15.62
N THR B 416 22.38 23.20 -15.96
CA THR B 416 21.21 23.67 -15.17
C THR B 416 19.94 23.22 -15.89
N LEU B 417 18.95 22.73 -15.16
CA LEU B 417 17.61 22.38 -15.69
C LEU B 417 16.71 23.63 -15.73
N GLU B 418 16.45 24.19 -16.92
CA GLU B 418 15.58 25.38 -17.10
C GLU B 418 14.12 25.01 -16.80
N PRO B 419 13.30 25.96 -16.29
CA PRO B 419 11.92 25.66 -15.91
C PRO B 419 11.03 25.02 -17.01
N GLU B 420 11.31 25.33 -18.27
CA GLU B 420 10.52 24.74 -19.38
C GLU B 420 10.77 23.24 -19.43
N TYR B 421 11.79 22.71 -18.75
CA TYR B 421 12.10 21.27 -18.76
C TYR B 421 11.81 20.58 -17.42
N PHE B 422 11.12 21.25 -16.48
CA PHE B 422 10.77 20.63 -15.18
C PHE B 422 9.73 19.53 -15.42
N ASN B 423 8.67 19.83 -16.15
CA ASN B 423 7.69 18.79 -16.54
C ASN B 423 6.90 19.32 -17.74
N SER B 424 5.97 18.53 -18.29
CA SER B 424 5.13 18.90 -19.46
C SER B 424 4.31 20.16 -19.11
N VAL B 425 3.85 20.26 -17.87
CA VAL B 425 3.01 21.42 -17.48
C VAL B 425 3.90 22.67 -17.48
N CYS B 426 5.07 22.61 -16.87
CA CYS B 426 5.96 23.79 -16.83
C CYS B 426 6.41 24.09 -18.26
N ARG B 427 6.58 23.07 -19.10
CA ARG B 427 6.96 23.30 -20.52
C ARG B 427 5.90 24.18 -21.21
N LEU B 428 4.62 23.82 -21.11
CA LEU B 428 3.52 24.69 -21.62
C LEU B 428 3.65 26.09 -21.02
N MET B 429 3.76 26.21 -19.69
CA MET B 429 3.61 27.54 -19.04
C MET B 429 4.70 28.47 -19.57
N LYS B 430 5.86 27.93 -19.94
CA LYS B 430 7.03 28.73 -20.38
C LYS B 430 7.02 28.95 -21.91
N THR B 431 6.36 28.07 -22.67
CA THR B 431 6.33 28.12 -24.16
C THR B 431 5.09 28.90 -24.64
N ILE B 432 3.86 28.43 -24.37
CA ILE B 432 2.59 29.13 -24.75
C ILE B 432 2.09 30.06 -23.62
N GLY B 433 2.75 30.10 -22.45
CA GLY B 433 2.29 30.89 -21.28
C GLY B 433 1.22 30.16 -20.46
N PRO B 434 0.95 30.59 -19.21
CA PRO B 434 -0.07 29.96 -18.39
C PRO B 434 -1.48 30.42 -18.74
N ASP B 435 -2.48 29.55 -18.59
CA ASP B 435 -3.88 29.92 -18.88
C ASP B 435 -4.29 31.04 -17.93
N MET B 436 -3.81 31.00 -16.68
CA MET B 436 -4.24 31.96 -15.64
C MET B 436 -3.02 32.41 -14.84
N PHE B 437 -3.04 33.64 -14.35
CA PHE B 437 -1.91 34.25 -13.61
C PHE B 437 -2.46 35.01 -12.41
N LEU B 438 -2.03 34.66 -11.19
CA LEU B 438 -2.36 35.47 -9.99
C LEU B 438 -1.34 36.61 -9.95
N GLY B 439 -1.79 37.83 -10.28
CA GLY B 439 -0.91 38.97 -10.60
C GLY B 439 -0.68 39.87 -9.41
N THR B 440 -1.30 39.62 -8.26
CA THR B 440 -1.05 40.47 -7.06
C THR B 440 -0.51 39.68 -5.87
N CYS B 441 0.71 40.03 -5.47
CA CYS B 441 1.42 39.42 -4.35
C CYS B 441 1.04 40.20 -3.09
N ARG B 442 0.49 39.50 -2.09
CA ARG B 442 -0.07 40.06 -0.84
C ARG B 442 0.89 39.79 0.32
N ARG B 443 1.97 39.05 0.09
CA ARG B 443 2.91 38.69 1.18
C ARG B 443 3.96 39.81 1.33
N CYS B 444 4.61 40.17 0.23
CA CYS B 444 5.98 40.74 0.26
C CYS B 444 5.95 42.26 0.21
N PRO B 445 6.92 42.94 0.88
CA PRO B 445 7.15 44.36 0.65
C PRO B 445 7.42 44.62 -0.85
N ALA B 446 7.10 45.83 -1.33
CA ALA B 446 7.14 46.19 -2.76
C ALA B 446 8.57 46.02 -3.28
N GLU B 447 9.58 46.29 -2.43
CA GLU B 447 10.99 46.22 -2.92
C GLU B 447 11.25 44.82 -3.48
N ILE B 448 10.73 43.80 -2.78
CA ILE B 448 10.90 42.37 -3.11
C ILE B 448 10.02 42.05 -4.32
N VAL B 449 8.80 42.56 -4.34
CA VAL B 449 7.84 42.25 -5.46
C VAL B 449 8.40 42.86 -6.75
N ASP B 450 8.82 44.13 -6.70
CA ASP B 450 9.40 44.80 -7.88
C ASP B 450 10.59 43.96 -8.37
N THR B 451 11.38 43.40 -7.45
CA THR B 451 12.65 42.71 -7.79
C THR B 451 12.32 41.44 -8.57
N VAL B 452 11.41 40.61 -8.06
CA VAL B 452 11.11 39.29 -8.68
C VAL B 452 10.17 39.49 -9.87
N SER B 453 9.31 40.51 -9.82
CA SER B 453 8.47 40.87 -10.97
C SER B 453 9.36 41.00 -12.22
N ALA B 454 10.43 41.79 -12.12
CA ALA B 454 11.40 42.04 -13.22
C ALA B 454 12.24 40.78 -13.44
N LEU B 455 12.65 40.12 -12.36
CA LEU B 455 13.62 39.00 -12.46
C LEU B 455 13.02 37.81 -13.21
N VAL B 456 11.76 37.44 -12.96
CA VAL B 456 11.22 36.14 -13.47
C VAL B 456 9.76 36.19 -13.92
N TYR B 457 9.06 37.34 -13.83
CA TYR B 457 7.62 37.44 -14.14
C TYR B 457 7.33 38.52 -15.19
N ASP B 458 8.29 38.90 -16.05
CA ASP B 458 8.08 39.89 -17.16
C ASP B 458 7.28 41.13 -16.69
N ASN B 459 7.52 41.59 -15.46
CA ASN B 459 6.95 42.82 -14.88
C ASN B 459 5.44 42.69 -14.75
N LYS B 460 4.92 41.47 -14.64
CA LYS B 460 3.46 41.26 -14.51
C LYS B 460 3.08 41.06 -13.04
N LEU B 461 4.02 40.95 -12.11
CA LEU B 461 3.63 40.74 -10.68
C LEU B 461 3.53 42.09 -9.99
N LYS B 462 2.38 42.38 -9.36
CA LYS B 462 2.06 43.70 -8.72
C LYS B 462 2.12 43.58 -7.18
N ALA B 463 2.60 44.62 -6.50
CA ALA B 463 2.75 44.62 -5.02
C ALA B 463 1.44 45.11 -4.42
N HIS B 464 0.85 44.37 -3.50
CA HIS B 464 -0.26 44.82 -2.64
C HIS B 464 0.28 45.76 -1.55
N LYS B 465 1.32 45.35 -0.83
CA LYS B 465 1.94 46.15 0.25
C LYS B 465 2.74 47.30 -0.35
N ASP B 466 3.04 48.30 0.47
CA ASP B 466 4.03 49.35 0.09
C ASP B 466 5.45 48.82 0.25
N LYS B 467 6.42 49.63 -0.13
CA LYS B 467 7.82 49.50 0.32
C LYS B 467 7.76 49.41 1.86
N SER B 468 8.48 48.46 2.45
CA SER B 468 8.62 48.34 3.92
C SER B 468 9.76 49.25 4.38
N ALA B 469 10.63 49.66 3.47
CA ALA B 469 11.93 50.29 3.77
C ALA B 469 12.75 49.41 4.72
N GLN B 470 12.52 48.10 4.73
CA GLN B 470 13.28 47.18 5.60
C GLN B 470 13.89 46.06 4.73
N CYS B 471 14.22 46.37 3.47
CA CYS B 471 14.83 45.44 2.50
C CYS B 471 16.22 45.98 2.17
N PHE B 472 17.25 45.20 2.51
CA PHE B 472 18.66 45.61 2.53
C PHE B 472 19.49 44.56 1.81
N LYS B 473 20.60 45.00 1.20
CA LYS B 473 21.54 44.12 0.49
C LYS B 473 22.96 44.58 0.85
N MET B 474 23.86 43.62 0.98
N MET B 474 23.87 43.60 0.95
CA MET B 474 25.31 43.88 1.13
CA MET B 474 25.32 43.84 1.16
C MET B 474 26.06 43.00 0.13
C MET B 474 26.09 42.97 0.17
N PHE B 475 27.12 43.54 -0.45
CA PHE B 475 28.06 42.80 -1.31
C PHE B 475 29.21 42.41 -0.40
N TYR B 476 29.33 41.12 -0.12
CA TYR B 476 30.39 40.56 0.74
C TYR B 476 30.67 39.11 0.33
N LYS B 477 31.82 38.87 -0.30
CA LYS B 477 32.19 37.53 -0.81
C LYS B 477 32.70 36.66 0.33
N GLY B 478 33.44 37.27 1.26
CA GLY B 478 33.88 36.61 2.49
C GLY B 478 34.85 35.50 2.18
N VAL B 479 34.72 34.35 2.85
CA VAL B 479 35.60 33.17 2.65
C VAL B 479 34.68 31.96 2.54
N ILE B 480 34.85 31.16 1.51
CA ILE B 480 34.05 29.92 1.28
C ILE B 480 34.89 28.71 1.68
N THR B 481 34.35 27.89 2.56
CA THR B 481 34.94 26.58 2.95
C THR B 481 33.98 25.51 2.43
N HIS B 482 34.49 24.33 2.10
CA HIS B 482 33.72 23.20 1.55
C HIS B 482 33.88 22.05 2.52
N ASP B 483 32.80 21.47 2.99
CA ASP B 483 32.86 20.14 3.65
C ASP B 483 32.51 19.11 2.57
N VAL B 484 32.06 17.91 2.99
CA VAL B 484 31.88 16.73 2.10
C VAL B 484 30.97 17.07 0.90
N SER B 485 29.94 17.90 1.05
CA SER B 485 28.91 18.13 0.00
C SER B 485 28.15 19.44 0.18
N SER B 486 28.76 20.46 0.77
CA SER B 486 28.08 21.71 1.16
C SER B 486 29.10 22.86 1.24
N ALA B 487 28.63 24.10 1.41
CA ALA B 487 29.48 25.30 1.53
C ALA B 487 29.18 26.02 2.84
N ILE B 488 30.21 26.62 3.42
CA ILE B 488 30.08 27.50 4.61
C ILE B 488 30.79 28.79 4.22
N ASN B 489 30.22 29.91 4.66
CA ASN B 489 30.82 31.26 4.51
C ASN B 489 30.67 31.96 5.86
N ARG B 490 31.61 31.69 6.75
CA ARG B 490 31.63 32.19 8.16
C ARG B 490 31.65 33.70 8.16
N PRO B 491 32.55 34.36 7.39
CA PRO B 491 32.51 35.83 7.32
C PRO B 491 31.13 36.41 6.96
N GLN B 492 30.34 35.80 6.06
CA GLN B 492 28.95 36.27 5.78
C GLN B 492 28.06 36.09 7.02
N ILE B 493 28.27 35.02 7.78
CA ILE B 493 27.59 34.84 9.09
C ILE B 493 28.08 35.91 10.07
N GLY B 494 29.39 36.17 10.14
CA GLY B 494 29.93 37.27 10.96
C GLY B 494 29.26 38.59 10.66
N VAL B 495 29.11 38.94 9.40
CA VAL B 495 28.50 40.24 8.99
C VAL B 495 27.06 40.28 9.54
N VAL B 496 26.36 39.15 9.53
CA VAL B 496 24.97 39.04 10.05
C VAL B 496 25.03 39.22 11.56
N ARG B 497 25.96 38.54 12.23
CA ARG B 497 26.19 38.65 13.70
C ARG B 497 26.29 40.13 14.06
N GLU B 498 27.11 40.88 13.33
CA GLU B 498 27.38 42.32 13.60
C GLU B 498 26.11 43.12 13.25
N PHE B 499 25.41 42.73 12.18
CA PHE B 499 24.19 43.43 11.78
C PHE B 499 23.14 43.27 12.88
N LEU B 500 23.10 42.10 13.53
CA LEU B 500 22.08 41.80 14.56
C LEU B 500 22.41 42.60 15.84
N THR B 501 23.68 42.78 16.22
CA THR B 501 24.07 43.57 17.42
C THR B 501 23.61 45.03 17.23
N ARG B 502 23.72 45.58 16.03
CA ARG B 502 23.27 46.95 15.70
C ARG B 502 21.76 46.98 15.39
N ASN B 503 21.10 45.85 15.10
CA ASN B 503 19.69 45.81 14.64
C ASN B 503 18.97 44.68 15.36
N PRO B 504 19.02 44.65 16.70
CA PRO B 504 18.49 43.54 17.49
C PRO B 504 17.03 43.17 17.20
N ALA B 505 16.21 44.07 16.69
CA ALA B 505 14.82 43.74 16.27
C ALA B 505 14.88 42.52 15.37
N TRP B 506 15.96 42.39 14.58
CA TRP B 506 16.09 41.35 13.53
C TRP B 506 16.37 39.97 14.11
N ARG B 507 16.44 39.84 15.44
CA ARG B 507 16.62 38.55 16.15
C ARG B 507 15.38 37.69 15.96
N LYS B 508 14.25 38.25 15.52
CA LYS B 508 13.06 37.42 15.17
C LYS B 508 13.15 36.91 13.73
N ALA B 509 14.25 37.14 13.02
CA ALA B 509 14.41 36.71 11.61
C ALA B 509 14.59 35.19 11.52
N VAL B 510 14.14 34.63 10.39
CA VAL B 510 14.56 33.28 9.94
C VAL B 510 15.85 33.47 9.15
N PHE B 511 16.80 32.56 9.31
CA PHE B 511 18.04 32.55 8.51
C PHE B 511 17.85 31.60 7.33
N ILE B 512 18.22 32.05 6.13
CA ILE B 512 18.06 31.22 4.90
C ILE B 512 19.36 31.26 4.13
N SER B 513 19.79 30.10 3.67
CA SER B 513 20.96 29.98 2.80
C SER B 513 20.72 28.85 1.80
N PRO B 514 21.47 28.81 0.68
CA PRO B 514 21.39 27.71 -0.28
C PRO B 514 22.06 26.41 0.17
N TYR B 515 22.62 26.34 1.37
CA TYR B 515 23.49 25.25 1.86
C TYR B 515 23.16 24.90 3.31
N ASN B 516 22.94 23.61 3.58
CA ASN B 516 22.53 23.16 4.94
C ASN B 516 23.72 23.30 5.91
N SER B 517 24.98 23.20 5.45
CA SER B 517 26.17 23.40 6.32
C SER B 517 26.25 24.86 6.76
N GLN B 518 26.06 25.81 5.85
CA GLN B 518 25.98 27.26 6.18
C GLN B 518 24.96 27.43 7.31
N ASN B 519 23.77 26.86 7.10
CA ASN B 519 22.63 26.93 8.05
C ASN B 519 23.07 26.36 9.41
N ALA B 520 23.69 25.19 9.46
CA ALA B 520 24.12 24.51 10.70
C ALA B 520 25.04 25.46 11.49
N VAL B 521 25.96 26.11 10.79
CA VAL B 521 26.95 27.02 11.42
C VAL B 521 26.20 28.26 11.91
N ALA B 522 25.38 28.87 11.04
CA ALA B 522 24.57 30.07 11.36
C ALA B 522 23.72 29.82 12.60
N SER B 523 23.22 28.59 12.76
CA SER B 523 22.29 28.19 13.84
C SER B 523 23.01 28.29 15.19
N LYS B 524 24.23 27.78 15.22
CA LYS B 524 25.13 27.77 16.40
C LYS B 524 25.53 29.23 16.70
N ILE B 525 25.91 30.03 15.71
CA ILE B 525 26.48 31.41 15.92
C ILE B 525 25.36 32.45 16.17
N LEU B 526 24.23 32.39 15.49
CA LEU B 526 23.21 33.46 15.51
C LEU B 526 22.04 33.02 16.38
N GLY B 527 21.77 31.72 16.46
CA GLY B 527 20.59 31.18 17.14
C GLY B 527 19.28 31.53 16.47
N LEU B 528 19.28 31.96 15.22
CA LEU B 528 18.03 32.10 14.43
C LEU B 528 17.55 30.71 14.00
N PRO B 529 16.24 30.53 13.76
CA PRO B 529 15.75 29.35 13.05
C PRO B 529 16.28 29.46 11.61
N THR B 530 16.71 28.34 11.05
CA THR B 530 17.28 28.25 9.69
C THR B 530 16.37 27.34 8.83
N GLN B 531 16.30 27.69 7.55
CA GLN B 531 15.77 26.89 6.42
C GLN B 531 16.71 27.02 5.23
N THR B 532 16.92 25.94 4.49
CA THR B 532 17.50 26.04 3.12
C THR B 532 16.46 26.75 2.26
N VAL B 533 16.89 27.34 1.16
CA VAL B 533 15.94 27.98 0.23
C VAL B 533 14.89 26.93 -0.12
N ASP B 534 15.36 25.71 -0.40
CA ASP B 534 14.56 24.59 -0.93
C ASP B 534 13.50 24.19 0.10
N SER B 535 13.82 24.22 1.39
CA SER B 535 12.86 23.83 2.46
C SER B 535 11.96 25.00 2.81
N SER B 536 12.35 26.24 2.45
CA SER B 536 11.57 27.48 2.71
C SER B 536 10.37 27.61 1.76
N GLN B 537 10.45 26.99 0.58
CA GLN B 537 9.36 27.07 -0.44
C GLN B 537 8.01 26.69 0.20
N GLY B 538 7.00 27.55 0.01
CA GLY B 538 5.66 27.42 0.63
C GLY B 538 5.54 28.14 1.97
N SER B 539 6.65 28.48 2.64
CA SER B 539 6.63 29.14 3.97
C SER B 539 6.79 30.65 3.83
N GLU B 540 6.28 31.39 4.81
CA GLU B 540 6.57 32.84 4.91
C GLU B 540 7.00 33.17 6.32
N TYR B 541 7.75 34.26 6.43
CA TYR B 541 8.31 34.79 7.70
C TYR B 541 8.32 36.32 7.59
N ASP B 542 8.10 37.03 8.70
CA ASP B 542 8.13 38.52 8.71
C ASP B 542 9.51 38.97 8.25
N TYR B 543 10.56 38.36 8.82
CA TYR B 543 11.95 38.81 8.58
C TYR B 543 12.81 37.62 8.19
N VAL B 544 13.51 37.81 7.09
CA VAL B 544 14.40 36.79 6.50
C VAL B 544 15.79 37.42 6.46
N ILE B 545 16.80 36.66 6.87
CA ILE B 545 18.23 37.03 6.62
C ILE B 545 18.78 35.94 5.72
N PHE B 546 19.23 36.31 4.52
CA PHE B 546 19.74 35.38 3.49
C PHE B 546 21.22 35.66 3.31
N THR B 547 22.06 34.62 3.43
CA THR B 547 23.48 34.64 2.98
C THR B 547 23.62 33.75 1.73
N GLN B 548 23.90 34.35 0.57
CA GLN B 548 24.16 33.61 -0.68
C GLN B 548 25.24 32.55 -0.46
N THR B 549 26.22 32.82 0.39
CA THR B 549 27.27 31.83 0.79
C THR B 549 28.30 31.67 -0.33
N THR B 550 27.85 31.34 -1.56
CA THR B 550 28.71 31.19 -2.78
C THR B 550 28.13 31.96 -3.98
N GLU B 551 28.91 32.02 -5.08
CA GLU B 551 28.46 32.43 -6.43
C GLU B 551 28.39 31.24 -7.39
N THR B 552 28.10 30.05 -6.89
CA THR B 552 27.87 28.85 -7.73
C THR B 552 26.61 28.97 -8.61
N ALA B 553 26.47 28.07 -9.60
CA ALA B 553 25.23 27.85 -10.36
C ALA B 553 24.10 27.57 -9.37
N HIS B 554 24.38 26.81 -8.31
CA HIS B 554 23.37 26.48 -7.26
C HIS B 554 22.91 27.78 -6.59
N SER B 555 23.82 28.61 -6.12
CA SER B 555 23.39 29.73 -5.24
C SER B 555 22.92 30.91 -6.12
N CYS B 556 23.19 30.88 -7.44
CA CYS B 556 22.77 31.95 -8.39
C CYS B 556 21.52 31.49 -9.16
N ASN B 557 21.06 30.28 -9.00
CA ASN B 557 19.84 29.85 -9.75
C ASN B 557 18.72 30.89 -9.52
N VAL B 558 18.13 31.45 -10.59
CA VAL B 558 17.17 32.57 -10.44
C VAL B 558 15.94 32.06 -9.70
N ASN B 559 15.55 30.80 -9.90
CA ASN B 559 14.36 30.24 -9.23
C ASN B 559 14.59 30.18 -7.72
N ARG B 560 15.78 29.76 -7.32
CA ARG B 560 16.17 29.62 -5.90
C ARG B 560 16.15 31.01 -5.29
N PHE B 561 16.73 31.97 -6.01
CA PHE B 561 16.84 33.36 -5.55
C PHE B 561 15.45 33.98 -5.37
N ASN B 562 14.61 33.79 -6.38
CA ASN B 562 13.17 34.14 -6.36
C ASN B 562 12.51 33.58 -5.07
N VAL B 563 12.69 32.29 -4.75
CA VAL B 563 12.06 31.70 -3.54
C VAL B 563 12.68 32.32 -2.29
N ALA B 564 13.98 32.53 -2.29
CA ALA B 564 14.71 32.93 -1.07
C ALA B 564 14.10 34.24 -0.57
N ILE B 565 13.99 35.23 -1.46
CA ILE B 565 13.68 36.64 -1.07
C ILE B 565 12.16 36.88 -0.93
N THR B 566 11.30 35.99 -1.45
CA THR B 566 9.82 36.11 -1.42
C THR B 566 9.27 35.35 -0.22
N ARG B 567 10.12 34.93 0.71
CA ARG B 567 9.68 34.31 1.97
C ARG B 567 9.29 35.40 2.97
N ALA B 568 9.72 36.65 2.72
CA ALA B 568 9.62 37.79 3.67
C ALA B 568 8.28 38.54 3.50
N LYS B 569 7.60 38.77 4.63
CA LYS B 569 6.38 39.61 4.71
C LYS B 569 6.76 41.07 4.98
N VAL B 570 7.86 41.33 5.67
CA VAL B 570 8.17 42.69 6.16
C VAL B 570 9.57 43.15 5.71
N GLY B 571 10.61 42.44 6.15
CA GLY B 571 12.00 42.85 5.94
C GLY B 571 12.88 41.68 5.54
N ILE B 572 13.95 41.97 4.81
CA ILE B 572 14.96 40.97 4.40
C ILE B 572 16.33 41.65 4.40
N LEU B 573 17.35 40.92 4.80
CA LEU B 573 18.75 41.30 4.59
C LEU B 573 19.36 40.24 3.67
N CYS B 574 19.82 40.61 2.48
CA CYS B 574 20.59 39.71 1.60
C CYS B 574 22.07 40.04 1.68
N ILE B 575 22.91 39.11 2.18
CA ILE B 575 24.39 39.19 2.07
C ILE B 575 24.74 38.43 0.80
N MET B 576 25.07 39.13 -0.28
CA MET B 576 25.22 38.54 -1.64
C MET B 576 26.70 38.28 -1.93
N SER B 577 26.94 37.26 -2.72
CA SER B 577 28.27 36.88 -3.28
C SER B 577 28.32 37.30 -4.75
N ASP B 578 27.19 37.25 -5.44
CA ASP B 578 27.05 37.41 -6.91
C ASP B 578 26.75 38.88 -7.22
N ARG B 579 27.60 39.56 -7.97
CA ARG B 579 27.36 40.97 -8.35
C ARG B 579 26.06 41.03 -9.17
N ASP B 580 25.78 40.03 -10.00
CA ASP B 580 24.62 40.06 -10.94
C ASP B 580 23.32 40.18 -10.12
N LEU B 581 22.97 39.17 -9.33
CA LEU B 581 21.77 39.19 -8.46
C LEU B 581 21.87 40.36 -7.47
N TYR B 582 23.05 40.73 -7.00
CA TYR B 582 23.15 41.86 -6.04
C TYR B 582 22.55 43.10 -6.68
N ASP B 583 22.99 43.39 -7.91
CA ASP B 583 22.63 44.60 -8.70
C ASP B 583 21.12 44.56 -9.03
N LYS B 584 20.54 43.37 -9.18
CA LYS B 584 19.11 43.14 -9.51
C LYS B 584 18.21 43.35 -8.29
N LEU B 585 18.72 43.22 -7.07
CA LEU B 585 17.93 43.51 -5.82
C LEU B 585 17.65 45.00 -5.77
N GLN B 586 16.37 45.38 -5.76
CA GLN B 586 15.91 46.78 -5.63
C GLN B 586 15.76 47.07 -4.13
N PHE B 587 16.88 46.97 -3.41
CA PHE B 587 16.97 47.05 -1.92
C PHE B 587 17.95 48.16 -1.58
N THR B 588 17.86 48.68 -0.37
CA THR B 588 18.79 49.69 0.16
C THR B 588 20.13 48.97 0.34
N SER B 589 21.21 49.46 -0.26
CA SER B 589 22.55 48.88 -0.02
C SER B 589 23.07 49.38 1.33
N LEU B 590 23.87 48.55 2.01
CA LEU B 590 24.53 48.84 3.32
C LEU B 590 26.04 48.70 3.14
N GLU B 591 26.83 49.66 3.62
CA GLU B 591 28.31 49.53 3.66
C GLU B 591 28.61 48.36 4.62
N ILE B 592 29.80 47.76 4.48
CA ILE B 592 30.30 46.69 5.39
C ILE B 592 31.00 47.37 6.57
N PRO B 593 30.77 46.93 7.82
CA PRO B 593 31.54 47.45 8.95
C PRO B 593 33.07 47.26 8.82
C10 JFM C . -22.41 -4.88 -4.23
C13 JFM C . -21.05 -3.29 -2.45
C01 JFM C . -23.90 -1.48 2.36
S02 JFM C . -22.20 -1.86 2.26
O03 JFM C . -21.95 -2.98 3.09
O04 JFM C . -21.47 -0.64 2.49
N05 JFM C . -21.89 -2.35 0.73
C06 JFM C . -22.83 -3.32 0.16
C07 JFM C . -22.09 -4.46 -0.48
C08 JFM C . -21.90 -4.26 -1.96
C09 JFM C . -22.57 -5.05 -2.87
C11 JFM C . -21.56 -3.91 -4.70
C12 JFM C . -20.88 -3.11 -3.81
ZN ZN D . -42.11 17.28 14.73
ZN ZN E . -30.89 -0.57 8.60
ZN ZN F . -33.79 -2.02 -3.69
P PO4 G . -0.15 -30.76 0.77
O1 PO4 G . -0.26 -30.76 2.30
O2 PO4 G . -1.50 -30.96 0.14
O3 PO4 G . 0.76 -31.92 0.28
O4 PO4 G . 0.44 -29.41 0.33
P PO4 H . -2.50 -29.42 5.05
O1 PO4 H . -1.92 -30.63 5.73
O2 PO4 H . -3.58 -29.90 4.10
O3 PO4 H . -3.12 -28.49 6.14
O4 PO4 H . -1.43 -28.65 4.30
C10 JFM I . -5.89 35.47 -0.37
C13 JFM I . -3.42 35.97 -1.48
C01 JFM I . -2.33 30.35 1.56
S02 JFM I . -3.30 31.35 0.50
O03 JFM I . -3.56 30.69 -0.75
O04 JFM I . -4.41 31.83 1.29
N05 JFM I . -2.40 32.64 0.13
C06 JFM I . -2.25 33.67 1.16
C07 JFM I . -2.23 35.07 0.54
C08 JFM I . -3.49 35.40 -0.22
C09 JFM I . -4.74 35.15 0.33
C11 JFM I . -5.81 36.04 -1.62
C12 JFM I . -4.57 36.27 -2.19
C10 JFM J . 2.72 3.53 -22.81
C13 JFM J . 5.36 4.17 -23.28
C01 JFM J . 9.84 1.82 -19.54
S02 JFM J . 8.58 0.77 -20.12
O03 JFM J . 8.87 0.46 -21.49
O04 JFM J . 8.42 -0.31 -19.18
N05 JFM J . 7.20 1.60 -20.17
C06 JFM J . 7.06 2.59 -21.24
C07 JFM J . 6.02 3.63 -20.92
C08 JFM J . 4.99 3.74 -22.02
C09 JFM J . 3.66 3.41 -21.79
C11 JFM J . 3.10 3.96 -24.04
C12 JFM J . 4.42 4.27 -24.29
ZN ZN K . 17.99 -1.39 -24.50
ZN ZN L . 8.36 -0.94 -32.84
ZN ZN M . 27.12 -21.07 -27.39
P PO4 N . 0.43 31.46 -1.86
O1 PO4 N . -0.19 30.18 -1.25
O2 PO4 N . 1.95 31.56 -1.64
O3 PO4 N . -0.21 32.72 -1.24
O4 PO4 N . 0.13 31.42 -3.36
P PO4 O . 4.97 30.24 -2.40
O1 PO4 O . 3.89 29.48 -1.69
O2 PO4 O . 6.23 29.36 -2.51
O3 PO4 O . 5.27 31.48 -1.66
O4 PO4 O . 4.52 30.54 -3.81
#